data_3OVO
# 
_entry.id   3OVO 
# 
_audit_conform.dict_name       mmcif_pdbx.dic 
_audit_conform.dict_version    5.398 
_audit_conform.dict_location   http://mmcif.pdb.org/dictionaries/ascii/mmcif_pdbx.dic 
# 
loop_
_database_2.database_id 
_database_2.database_code 
_database_2.pdbx_database_accession 
_database_2.pdbx_DOI 
PDB   3OVO         pdb_00003ovo 10.2210/pdb3ovo/pdb 
WWPDB D_1000179073 ?            ?                   
# 
loop_
_pdbx_audit_revision_history.ordinal 
_pdbx_audit_revision_history.data_content_type 
_pdbx_audit_revision_history.major_revision 
_pdbx_audit_revision_history.minor_revision 
_pdbx_audit_revision_history.revision_date 
1 'Structure model' 1 0 1993-01-15 
2 'Structure model' 1 1 2008-03-25 
3 'Structure model' 1 2 2011-07-13 
4 'Structure model' 1 3 2024-06-05 
5 'Structure model' 1 4 2024-11-06 
# 
_pdbx_audit_revision_details.ordinal             1 
_pdbx_audit_revision_details.revision_ordinal    1 
_pdbx_audit_revision_details.data_content_type   'Structure model' 
_pdbx_audit_revision_details.provider            repository 
_pdbx_audit_revision_details.type                'Initial release' 
_pdbx_audit_revision_details.description         ? 
_pdbx_audit_revision_details.details             ? 
# 
loop_
_pdbx_audit_revision_group.ordinal 
_pdbx_audit_revision_group.revision_ordinal 
_pdbx_audit_revision_group.data_content_type 
_pdbx_audit_revision_group.group 
1 2 'Structure model' 'Version format compliance' 
2 3 'Structure model' 'Version format compliance' 
3 4 'Structure model' 'Data collection'           
4 4 'Structure model' 'Database references'       
5 4 'Structure model' Other                       
6 5 'Structure model' 'Structure summary'         
# 
loop_
_pdbx_audit_revision_category.ordinal 
_pdbx_audit_revision_category.revision_ordinal 
_pdbx_audit_revision_category.data_content_type 
_pdbx_audit_revision_category.category 
1 4 'Structure model' chem_comp_atom            
2 4 'Structure model' chem_comp_bond            
3 4 'Structure model' database_2                
4 4 'Structure model' pdbx_database_status      
5 5 'Structure model' pdbx_entry_details        
6 5 'Structure model' pdbx_modification_feature 
# 
loop_
_pdbx_audit_revision_item.ordinal 
_pdbx_audit_revision_item.revision_ordinal 
_pdbx_audit_revision_item.data_content_type 
_pdbx_audit_revision_item.item 
1 4 'Structure model' '_database_2.pdbx_DOI'                         
2 4 'Structure model' '_database_2.pdbx_database_accession'          
3 4 'Structure model' '_pdbx_database_status.process_site'           
4 5 'Structure model' '_pdbx_entry_details.has_protein_modification' 
# 
_pdbx_database_status.status_code                     REL 
_pdbx_database_status.entry_id                        3OVO 
_pdbx_database_status.recvd_initial_deposition_date   1991-05-13 
_pdbx_database_status.deposit_site                    ? 
_pdbx_database_status.process_site                    BNL 
_pdbx_database_status.SG_entry                        . 
_pdbx_database_status.pdb_format_compatible           Y 
_pdbx_database_status.status_code_mr                  ? 
_pdbx_database_status.status_code_sf                  ? 
_pdbx_database_status.status_code_cs                  ? 
_pdbx_database_status.status_code_nmr_data            ? 
_pdbx_database_status.methods_development_category    ? 
# 
loop_
_audit_author.name 
_audit_author.pdbx_ordinal 
'Musil, D.' 1 
'Bode, W.'  2 
# 
_citation.id                        primary 
_citation.title                     
;Refined X-ray crystal structures of the reactive site modified ovomucoid inhibitor third domains from silver pheasant (OMSVP3*) and from Japanese quail (OMJPQ3*).
;
_citation.journal_abbrev            J.Mol.Biol. 
_citation.journal_volume            220 
_citation.page_first                739 
_citation.page_last                 755 
_citation.year                      1991 
_citation.journal_id_ASTM           JMOBAK 
_citation.country                   UK 
_citation.journal_id_ISSN           0022-2836 
_citation.journal_id_CSD            0070 
_citation.book_publisher            ? 
_citation.pdbx_database_id_PubMed   1870129 
_citation.pdbx_database_id_DOI      '10.1016/0022-2836(91)90114-L' 
# 
loop_
_citation_author.citation_id 
_citation_author.name 
_citation_author.ordinal 
_citation_author.identifier_ORCID 
primary 'Musil, D.'         1 ? 
primary 'Bode, W.'          2 ? 
primary 'Huber, R.'         3 ? 
primary 'Laskowski Jr., M.' 4 ? 
primary 'Lin, T.Y.'         5 ? 
primary 'Ardelt, W.'        6 ? 
# 
loop_
_entity.id 
_entity.type 
_entity.src_method 
_entity.pdbx_description 
_entity.formula_weight 
_entity.pdbx_number_of_molecules 
_entity.pdbx_ec 
_entity.pdbx_mutation 
_entity.pdbx_fragment 
_entity.details 
1 polymer man 'OVOMUCOID THIRD DOMAIN CLEAVED RDI' 6067.842 1  ? ? ? ? 
2 water   nat water                                18.015   34 ? ? ? ? 
# 
_entity_poly.entity_id                      1 
_entity_poly.type                           'polypeptide(L)' 
_entity_poly.nstd_linkage                   no 
_entity_poly.nstd_monomer                   no 
_entity_poly.pdbx_seq_one_letter_code       LAAVSVDCSEYPKPACPKDYRPVCGSDNKTYSNKCNFCNAVVESNGTLTLNHFGKC 
_entity_poly.pdbx_seq_one_letter_code_can   LAAVSVDCSEYPKPACPKDYRPVCGSDNKTYSNKCNFCNAVVESNGTLTLNHFGKC 
_entity_poly.pdbx_strand_id                 A 
_entity_poly.pdbx_target_identifier         ? 
# 
_pdbx_entity_nonpoly.entity_id   2 
_pdbx_entity_nonpoly.name        water 
_pdbx_entity_nonpoly.comp_id     HOH 
# 
loop_
_entity_poly_seq.entity_id 
_entity_poly_seq.num 
_entity_poly_seq.mon_id 
_entity_poly_seq.hetero 
1 1  LEU n 
1 2  ALA n 
1 3  ALA n 
1 4  VAL n 
1 5  SER n 
1 6  VAL n 
1 7  ASP n 
1 8  CYS n 
1 9  SER n 
1 10 GLU n 
1 11 TYR n 
1 12 PRO n 
1 13 LYS n 
1 14 PRO n 
1 15 ALA n 
1 16 CYS n 
1 17 PRO n 
1 18 LYS n 
1 19 ASP n 
1 20 TYR n 
1 21 ARG n 
1 22 PRO n 
1 23 VAL n 
1 24 CYS n 
1 25 GLY n 
1 26 SER n 
1 27 ASP n 
1 28 ASN n 
1 29 LYS n 
1 30 THR n 
1 31 TYR n 
1 32 SER n 
1 33 ASN n 
1 34 LYS n 
1 35 CYS n 
1 36 ASN n 
1 37 PHE n 
1 38 CYS n 
1 39 ASN n 
1 40 ALA n 
1 41 VAL n 
1 42 VAL n 
1 43 GLU n 
1 44 SER n 
1 45 ASN n 
1 46 GLY n 
1 47 THR n 
1 48 LEU n 
1 49 THR n 
1 50 LEU n 
1 51 ASN n 
1 52 HIS n 
1 53 PHE n 
1 54 GLY n 
1 55 LYS n 
1 56 CYS n 
# 
_entity_src_gen.entity_id                          1 
_entity_src_gen.pdbx_src_id                        1 
_entity_src_gen.pdbx_alt_source_flag               sample 
_entity_src_gen.pdbx_seq_type                      ? 
_entity_src_gen.pdbx_beg_seq_num                   ? 
_entity_src_gen.pdbx_end_seq_num                   ? 
_entity_src_gen.gene_src_common_name               'Japanese quail' 
_entity_src_gen.gene_src_genus                     Coturnix 
_entity_src_gen.pdbx_gene_src_gene                 ? 
_entity_src_gen.gene_src_species                   ? 
_entity_src_gen.gene_src_strain                    ? 
_entity_src_gen.gene_src_tissue                    ? 
_entity_src_gen.gene_src_tissue_fraction           ? 
_entity_src_gen.gene_src_details                   ? 
_entity_src_gen.pdbx_gene_src_fragment             ? 
_entity_src_gen.pdbx_gene_src_scientific_name      'Coturnix japonica' 
_entity_src_gen.pdbx_gene_src_ncbi_taxonomy_id     93934 
_entity_src_gen.pdbx_gene_src_variant              ? 
_entity_src_gen.pdbx_gene_src_cell_line            ? 
_entity_src_gen.pdbx_gene_src_atcc                 ? 
_entity_src_gen.pdbx_gene_src_organ                ? 
_entity_src_gen.pdbx_gene_src_organelle            ? 
_entity_src_gen.pdbx_gene_src_cell                 ? 
_entity_src_gen.pdbx_gene_src_cellular_location    ? 
_entity_src_gen.host_org_common_name               ? 
_entity_src_gen.pdbx_host_org_scientific_name      ? 
_entity_src_gen.pdbx_host_org_ncbi_taxonomy_id     ? 
_entity_src_gen.host_org_genus                     ? 
_entity_src_gen.pdbx_host_org_gene                 ? 
_entity_src_gen.pdbx_host_org_organ                ? 
_entity_src_gen.host_org_species                   ? 
_entity_src_gen.pdbx_host_org_tissue               ? 
_entity_src_gen.pdbx_host_org_tissue_fraction      ? 
_entity_src_gen.pdbx_host_org_strain               ? 
_entity_src_gen.pdbx_host_org_variant              ? 
_entity_src_gen.pdbx_host_org_cell_line            ? 
_entity_src_gen.pdbx_host_org_atcc                 ? 
_entity_src_gen.pdbx_host_org_culture_collection   ? 
_entity_src_gen.pdbx_host_org_cell                 ? 
_entity_src_gen.pdbx_host_org_organelle            ? 
_entity_src_gen.pdbx_host_org_cellular_location    ? 
_entity_src_gen.pdbx_host_org_vector_type          ? 
_entity_src_gen.pdbx_host_org_vector               ? 
_entity_src_gen.host_org_details                   ? 
_entity_src_gen.expression_system_id               ? 
_entity_src_gen.plasmid_name                       ? 
_entity_src_gen.plasmid_details                    ? 
_entity_src_gen.pdbx_description                   ? 
# 
loop_
_chem_comp.id 
_chem_comp.type 
_chem_comp.mon_nstd_flag 
_chem_comp.name 
_chem_comp.pdbx_synonyms 
_chem_comp.formula 
_chem_comp.formula_weight 
ALA 'L-peptide linking' y ALANINE         ? 'C3 H7 N O2'     89.093  
ARG 'L-peptide linking' y ARGININE        ? 'C6 H15 N4 O2 1' 175.209 
ASN 'L-peptide linking' y ASPARAGINE      ? 'C4 H8 N2 O3'    132.118 
ASP 'L-peptide linking' y 'ASPARTIC ACID' ? 'C4 H7 N O4'     133.103 
CYS 'L-peptide linking' y CYSTEINE        ? 'C3 H7 N O2 S'   121.158 
GLU 'L-peptide linking' y 'GLUTAMIC ACID' ? 'C5 H9 N O4'     147.129 
GLY 'peptide linking'   y GLYCINE         ? 'C2 H5 N O2'     75.067  
HIS 'L-peptide linking' y HISTIDINE       ? 'C6 H10 N3 O2 1' 156.162 
HOH non-polymer         . WATER           ? 'H2 O'           18.015  
LEU 'L-peptide linking' y LEUCINE         ? 'C6 H13 N O2'    131.173 
LYS 'L-peptide linking' y LYSINE          ? 'C6 H15 N2 O2 1' 147.195 
PHE 'L-peptide linking' y PHENYLALANINE   ? 'C9 H11 N O2'    165.189 
PRO 'L-peptide linking' y PROLINE         ? 'C5 H9 N O2'     115.130 
SER 'L-peptide linking' y SERINE          ? 'C3 H7 N O3'     105.093 
THR 'L-peptide linking' y THREONINE       ? 'C4 H9 N O3'     119.119 
TYR 'L-peptide linking' y TYROSINE        ? 'C9 H11 N O3'    181.189 
VAL 'L-peptide linking' y VALINE          ? 'C5 H11 N O2'    117.146 
# 
loop_
_pdbx_poly_seq_scheme.asym_id 
_pdbx_poly_seq_scheme.entity_id 
_pdbx_poly_seq_scheme.seq_id 
_pdbx_poly_seq_scheme.mon_id 
_pdbx_poly_seq_scheme.ndb_seq_num 
_pdbx_poly_seq_scheme.pdb_seq_num 
_pdbx_poly_seq_scheme.auth_seq_num 
_pdbx_poly_seq_scheme.pdb_mon_id 
_pdbx_poly_seq_scheme.auth_mon_id 
_pdbx_poly_seq_scheme.pdb_strand_id 
_pdbx_poly_seq_scheme.pdb_ins_code 
_pdbx_poly_seq_scheme.hetero 
A 1 1  LEU 1  1  1  LEU LEU A . n 
A 1 2  ALA 2  2  2  ALA ALA A . n 
A 1 3  ALA 3  3  3  ALA ALA A . n 
A 1 4  VAL 4  4  4  VAL VAL A . n 
A 1 5  SER 5  5  5  SER SER A . n 
A 1 6  VAL 6  6  6  VAL VAL A . n 
A 1 7  ASP 7  7  7  ASP ASP A . n 
A 1 8  CYS 8  8  8  CYS CYS A . n 
A 1 9  SER 9  9  9  SER SER A . n 
A 1 10 GLU 10 10 10 GLU GLU A . n 
A 1 11 TYR 11 11 11 TYR TYR A . n 
A 1 12 PRO 12 12 12 PRO PRO A . n 
A 1 13 LYS 13 13 13 LYS LYS A . n 
A 1 14 PRO 14 14 14 PRO PRO A . n 
A 1 15 ALA 15 15 15 ALA ALA A . n 
A 1 16 CYS 16 16 16 CYS CYS A . n 
A 1 17 PRO 17 17 17 PRO PRO A . n 
A 1 18 LYS 18 18 18 LYS LYS A . n 
A 1 19 ASP 19 19 19 ASP ASP A . n 
A 1 20 TYR 20 20 20 TYR TYR A . n 
A 1 21 ARG 21 21 21 ARG ARG A . n 
A 1 22 PRO 22 22 22 PRO PRO A . n 
A 1 23 VAL 23 23 23 VAL VAL A . n 
A 1 24 CYS 24 24 24 CYS CYS A . n 
A 1 25 GLY 25 25 25 GLY GLY A . n 
A 1 26 SER 26 26 26 SER SER A . n 
A 1 27 ASP 27 27 27 ASP ASP A . n 
A 1 28 ASN 28 28 28 ASN ASN A . n 
A 1 29 LYS 29 29 29 LYS LYS A . n 
A 1 30 THR 30 30 30 THR THR A . n 
A 1 31 TYR 31 31 31 TYR TYR A . n 
A 1 32 SER 32 32 32 SER SER A . n 
A 1 33 ASN 33 33 33 ASN ASN A . n 
A 1 34 LYS 34 34 34 LYS LYS A . n 
A 1 35 CYS 35 35 35 CYS CYS A . n 
A 1 36 ASN 36 36 36 ASN ASN A . n 
A 1 37 PHE 37 37 37 PHE PHE A . n 
A 1 38 CYS 38 38 38 CYS CYS A . n 
A 1 39 ASN 39 39 39 ASN ASN A . n 
A 1 40 ALA 40 40 40 ALA ALA A . n 
A 1 41 VAL 41 41 41 VAL VAL A . n 
A 1 42 VAL 42 42 42 VAL VAL A . n 
A 1 43 GLU 43 43 43 GLU GLU A . n 
A 1 44 SER 44 44 44 SER SER A . n 
A 1 45 ASN 45 45 45 ASN ASN A . n 
A 1 46 GLY 46 46 46 GLY GLY A . n 
A 1 47 THR 47 47 47 THR THR A . n 
A 1 48 LEU 48 48 48 LEU LEU A . n 
A 1 49 THR 49 49 49 THR THR A . n 
A 1 50 LEU 50 50 50 LEU LEU A . n 
A 1 51 ASN 51 51 51 ASN ASN A . n 
A 1 52 HIS 52 52 52 HIS HIS A . n 
A 1 53 PHE 53 53 53 PHE PHE A . n 
A 1 54 GLY 54 54 54 GLY GLY A . n 
A 1 55 LYS 55 55 55 LYS LYS A . n 
A 1 56 CYS 56 56 56 CYS CYS A . n 
# 
loop_
_pdbx_nonpoly_scheme.asym_id 
_pdbx_nonpoly_scheme.entity_id 
_pdbx_nonpoly_scheme.mon_id 
_pdbx_nonpoly_scheme.ndb_seq_num 
_pdbx_nonpoly_scheme.pdb_seq_num 
_pdbx_nonpoly_scheme.auth_seq_num 
_pdbx_nonpoly_scheme.pdb_mon_id 
_pdbx_nonpoly_scheme.auth_mon_id 
_pdbx_nonpoly_scheme.pdb_strand_id 
_pdbx_nonpoly_scheme.pdb_ins_code 
B 2 HOH 1  100 100 HOH HOH A . 
B 2 HOH 2  101 101 HOH HOH A . 
B 2 HOH 3  102 102 HOH HOH A . 
B 2 HOH 4  103 103 HOH HOH A . 
B 2 HOH 5  104 104 HOH HOH A . 
B 2 HOH 6  105 105 HOH HOH A . 
B 2 HOH 7  106 106 HOH HOH A . 
B 2 HOH 8  107 107 HOH HOH A . 
B 2 HOH 9  108 108 HOH HOH A . 
B 2 HOH 10 109 109 HOH HOH A . 
B 2 HOH 11 110 110 HOH HOH A . 
B 2 HOH 12 112 112 HOH HOH A . 
B 2 HOH 13 113 113 HOH HOH A . 
B 2 HOH 14 114 114 HOH HOH A . 
B 2 HOH 15 115 115 HOH HOH A . 
B 2 HOH 16 116 116 HOH HOH A . 
B 2 HOH 17 117 117 HOH HOH A . 
B 2 HOH 18 118 118 HOH HOH A . 
B 2 HOH 19 119 119 HOH HOH A . 
B 2 HOH 20 120 120 HOH HOH A . 
B 2 HOH 21 121 121 HOH HOH A . 
B 2 HOH 22 122 122 HOH HOH A . 
B 2 HOH 23 123 123 HOH HOH A . 
B 2 HOH 24 124 124 HOH HOH A . 
B 2 HOH 25 125 125 HOH HOH A . 
B 2 HOH 26 126 126 HOH HOH A . 
B 2 HOH 27 127 127 HOH HOH A . 
B 2 HOH 28 128 128 HOH HOH A . 
B 2 HOH 29 129 129 HOH HOH A . 
B 2 HOH 30 130 130 HOH HOH A . 
B 2 HOH 31 131 131 HOH HOH A . 
B 2 HOH 32 132 132 HOH HOH A . 
B 2 HOH 33 133 133 HOH HOH A . 
B 2 HOH 34 134 134 HOH HOH A . 
# 
_pdbx_unobs_or_zero_occ_atoms.id               1 
_pdbx_unobs_or_zero_occ_atoms.PDB_model_num    1 
_pdbx_unobs_or_zero_occ_atoms.polymer_flag     Y 
_pdbx_unobs_or_zero_occ_atoms.occupancy_flag   0 
_pdbx_unobs_or_zero_occ_atoms.auth_asym_id     A 
_pdbx_unobs_or_zero_occ_atoms.auth_comp_id     LYS 
_pdbx_unobs_or_zero_occ_atoms.auth_seq_id      29 
_pdbx_unobs_or_zero_occ_atoms.PDB_ins_code     ? 
_pdbx_unobs_or_zero_occ_atoms.auth_atom_id     NZ 
_pdbx_unobs_or_zero_occ_atoms.label_alt_id     ? 
_pdbx_unobs_or_zero_occ_atoms.label_asym_id    A 
_pdbx_unobs_or_zero_occ_atoms.label_comp_id    LYS 
_pdbx_unobs_or_zero_occ_atoms.label_seq_id     29 
_pdbx_unobs_or_zero_occ_atoms.label_atom_id    NZ 
# 
_software.name             EREF 
_software.classification   refinement 
_software.version          . 
_software.citation_id      ? 
_software.pdbx_ordinal     1 
# 
_cell.entry_id           3OVO 
_cell.length_a           23.550 
_cell.length_b           21.190 
_cell.length_c           28.140 
_cell.angle_alpha        62.09 
_cell.angle_beta         115.46 
_cell.angle_gamma        112.95 
_cell.Z_PDB              1 
_cell.pdbx_unique_axis   ? 
# 
_symmetry.entry_id                         3OVO 
_symmetry.space_group_name_H-M             'P 1' 
_symmetry.pdbx_full_space_group_name_H-M   ? 
_symmetry.cell_setting                     ? 
_symmetry.Int_Tables_number                1 
# 
_exptl.entry_id          3OVO 
_exptl.method            'X-RAY DIFFRACTION' 
_exptl.crystals_number   ? 
# 
_exptl_crystal.id                    1 
_exptl_crystal.density_meas          ? 
_exptl_crystal.density_Matthews      1.79 
_exptl_crystal.density_percent_sol   31.44 
_exptl_crystal.description           ? 
# 
_refine.entry_id                                 3OVO 
_refine.ls_number_reflns_obs                     ? 
_refine.ls_number_reflns_all                     ? 
_refine.pdbx_ls_sigma_I                          ? 
_refine.pdbx_ls_sigma_F                          ? 
_refine.pdbx_data_cutoff_high_absF               ? 
_refine.pdbx_data_cutoff_low_absF                ? 
_refine.pdbx_data_cutoff_high_rms_absF           ? 
_refine.ls_d_res_low                             . 
_refine.ls_d_res_high                            1.55 
_refine.ls_percent_reflns_obs                    ? 
_refine.ls_R_factor_obs                          ? 
_refine.ls_R_factor_all                          ? 
_refine.ls_R_factor_R_work                       0.192 
_refine.ls_R_factor_R_free                       ? 
_refine.ls_R_factor_R_free_error                 ? 
_refine.ls_R_factor_R_free_error_details         ? 
_refine.ls_percent_reflns_R_free                 ? 
_refine.ls_number_reflns_R_free                  ? 
_refine.ls_number_parameters                     ? 
_refine.ls_number_restraints                     ? 
_refine.occupancy_min                            ? 
_refine.occupancy_max                            ? 
_refine.B_iso_mean                               ? 
_refine.aniso_B[1][1]                            ? 
_refine.aniso_B[2][2]                            ? 
_refine.aniso_B[3][3]                            ? 
_refine.aniso_B[1][2]                            ? 
_refine.aniso_B[1][3]                            ? 
_refine.aniso_B[2][3]                            ? 
_refine.solvent_model_details                    ? 
_refine.solvent_model_param_ksol                 ? 
_refine.solvent_model_param_bsol                 ? 
_refine.pdbx_ls_cross_valid_method               ? 
_refine.details                                  ? 
_refine.pdbx_starting_model                      ? 
_refine.pdbx_method_to_determine_struct          ? 
_refine.pdbx_isotropic_thermal_model             ? 
_refine.pdbx_stereochemistry_target_values       ? 
_refine.pdbx_stereochem_target_val_spec_case     ? 
_refine.pdbx_R_Free_selection_details            ? 
_refine.pdbx_overall_ESU_R                       ? 
_refine.pdbx_overall_ESU_R_Free                  ? 
_refine.overall_SU_ML                            ? 
_refine.overall_SU_B                             ? 
_refine.pdbx_refine_id                           'X-RAY DIFFRACTION' 
_refine.pdbx_diffrn_id                           1 
_refine.pdbx_TLS_residual_ADP_flag               ? 
_refine.correlation_coeff_Fo_to_Fc               ? 
_refine.correlation_coeff_Fo_to_Fc_free          ? 
_refine.pdbx_solvent_vdw_probe_radii             ? 
_refine.pdbx_solvent_ion_probe_radii             ? 
_refine.pdbx_solvent_shrinkage_radii             ? 
_refine.pdbx_overall_phase_error                 ? 
_refine.overall_SU_R_Cruickshank_DPI             ? 
_refine.pdbx_overall_SU_R_free_Cruickshank_DPI   ? 
_refine.pdbx_overall_SU_R_Blow_DPI               ? 
_refine.pdbx_overall_SU_R_free_Blow_DPI          ? 
# 
_refine_hist.pdbx_refine_id                   'X-RAY DIFFRACTION' 
_refine_hist.cycle_id                         LAST 
_refine_hist.pdbx_number_atoms_protein        421 
_refine_hist.pdbx_number_atoms_nucleic_acid   0 
_refine_hist.pdbx_number_atoms_ligand         0 
_refine_hist.number_atoms_solvent             34 
_refine_hist.number_atoms_total               455 
_refine_hist.d_res_high                       1.55 
_refine_hist.d_res_low                        . 
# 
loop_
_refine_ls_restr.type 
_refine_ls_restr.dev_ideal 
_refine_ls_restr.dev_ideal_target 
_refine_ls_restr.weight 
_refine_ls_restr.number 
_refine_ls_restr.pdbx_refine_id 
_refine_ls_restr.pdbx_restraint_function 
o_bond_d                0.022 ? ? ? 'X-RAY DIFFRACTION' ? 
o_bond_d_na             ?     ? ? ? 'X-RAY DIFFRACTION' ? 
o_bond_d_prot           ?     ? ? ? 'X-RAY DIFFRACTION' ? 
o_angle_d               ?     ? ? ? 'X-RAY DIFFRACTION' ? 
o_angle_d_na            ?     ? ? ? 'X-RAY DIFFRACTION' ? 
o_angle_d_prot          ?     ? ? ? 'X-RAY DIFFRACTION' ? 
o_angle_deg             3.062 ? ? ? 'X-RAY DIFFRACTION' ? 
o_angle_deg_na          ?     ? ? ? 'X-RAY DIFFRACTION' ? 
o_angle_deg_prot        ?     ? ? ? 'X-RAY DIFFRACTION' ? 
o_dihedral_angle_d      ?     ? ? ? 'X-RAY DIFFRACTION' ? 
o_dihedral_angle_d_na   ?     ? ? ? 'X-RAY DIFFRACTION' ? 
o_dihedral_angle_d_prot ?     ? ? ? 'X-RAY DIFFRACTION' ? 
o_improper_angle_d      ?     ? ? ? 'X-RAY DIFFRACTION' ? 
o_improper_angle_d_na   ?     ? ? ? 'X-RAY DIFFRACTION' ? 
o_improper_angle_d_prot ?     ? ? ? 'X-RAY DIFFRACTION' ? 
o_mcbond_it             ?     ? ? ? 'X-RAY DIFFRACTION' ? 
o_mcangle_it            ?     ? ? ? 'X-RAY DIFFRACTION' ? 
o_scbond_it             ?     ? ? ? 'X-RAY DIFFRACTION' ? 
o_scangle_it            ?     ? ? ? 'X-RAY DIFFRACTION' ? 
# 
_struct.entry_id                  3OVO 
_struct.title                     
;REFINED X-RAY CRYSTAL STRUCTURES OF THE REACTIVE SITE MODIFIED OVOMUCOID INHIBITOR THIRD DOMAINS FROM SILVER PHEASANT (OMSVP3(ASTERISK)) AND FROM JAPANESE QUAIL (OMJPQ3(ASTERISK))
;
_struct.pdbx_model_details        ? 
_struct.pdbx_CASP_flag            ? 
_struct.pdbx_model_type_details   ? 
# 
_struct_keywords.entry_id        3OVO 
_struct_keywords.pdbx_keywords   'PROTEINASE INHIBITOR (KAZAL)' 
_struct_keywords.text            'PROTEINASE INHIBITOR (KAZAL)' 
# 
loop_
_struct_asym.id 
_struct_asym.pdbx_blank_PDB_chainid_flag 
_struct_asym.pdbx_modified 
_struct_asym.entity_id 
_struct_asym.details 
A N N 1 ? 
B N N 2 ? 
# 
_struct_ref.id                         1 
_struct_ref.db_name                    UNP 
_struct_ref.db_code                    IOVO_COTJA 
_struct_ref.entity_id                  1 
_struct_ref.pdbx_db_accession          P01003 
_struct_ref.pdbx_align_begin           1 
_struct_ref.pdbx_seq_one_letter_code   
;VEVDCSRFPNTTNEEGKDEVVCPDELRLICGTDGVTYNHECMLCFYNKEYGTNISKEQDGECGETVPMDCSRYPNTTSED
GKVTILCTKDFSFVCGTDGVTYDNECMLCAHNVVQGTSVGKKHDGECRKELAAVSVDCSEYPKPACPKDYRPVCGSDNKT
YSNKCNFCNAVVESNGTLTLNHFGKC
;
_struct_ref.pdbx_db_isoform            ? 
# 
_struct_ref_seq.align_id                      1 
_struct_ref_seq.ref_id                        1 
_struct_ref_seq.pdbx_PDB_id_code              3OVO 
_struct_ref_seq.pdbx_strand_id                A 
_struct_ref_seq.seq_align_beg                 1 
_struct_ref_seq.pdbx_seq_align_beg_ins_code   ? 
_struct_ref_seq.seq_align_end                 56 
_struct_ref_seq.pdbx_seq_align_end_ins_code   ? 
_struct_ref_seq.pdbx_db_accession             P01003 
_struct_ref_seq.db_align_beg                  131 
_struct_ref_seq.pdbx_db_align_beg_ins_code    ? 
_struct_ref_seq.db_align_end                  186 
_struct_ref_seq.pdbx_db_align_end_ins_code    ? 
_struct_ref_seq.pdbx_auth_seq_align_beg       1 
_struct_ref_seq.pdbx_auth_seq_align_end       56 
# 
_pdbx_struct_assembly.id                   1 
_pdbx_struct_assembly.details              author_defined_assembly 
_pdbx_struct_assembly.method_details       ? 
_pdbx_struct_assembly.oligomeric_details   monomeric 
_pdbx_struct_assembly.oligomeric_count     1 
# 
_pdbx_struct_assembly_gen.assembly_id       1 
_pdbx_struct_assembly_gen.oper_expression   1 
_pdbx_struct_assembly_gen.asym_id_list      A,B 
# 
_pdbx_struct_oper_list.id                   1 
_pdbx_struct_oper_list.type                 'identity operation' 
_pdbx_struct_oper_list.name                 1_555 
_pdbx_struct_oper_list.symmetry_operation   x,y,z 
_pdbx_struct_oper_list.matrix[1][1]         1.0000000000 
_pdbx_struct_oper_list.matrix[1][2]         0.0000000000 
_pdbx_struct_oper_list.matrix[1][3]         0.0000000000 
_pdbx_struct_oper_list.vector[1]            0.0000000000 
_pdbx_struct_oper_list.matrix[2][1]         0.0000000000 
_pdbx_struct_oper_list.matrix[2][2]         1.0000000000 
_pdbx_struct_oper_list.matrix[2][3]         0.0000000000 
_pdbx_struct_oper_list.vector[2]            0.0000000000 
_pdbx_struct_oper_list.matrix[3][1]         0.0000000000 
_pdbx_struct_oper_list.matrix[3][2]         0.0000000000 
_pdbx_struct_oper_list.matrix[3][3]         1.0000000000 
_pdbx_struct_oper_list.vector[3]            0.0000000000 
# 
_struct_biol.id   1 
# 
_struct_conf.conf_type_id            HELX_P 
_struct_conf.id                      HELX_P1 
_struct_conf.pdbx_PDB_helix_id       HA 
_struct_conf.beg_label_comp_id       ASN 
_struct_conf.beg_label_asym_id       A 
_struct_conf.beg_label_seq_id        33 
_struct_conf.pdbx_beg_PDB_ins_code   ? 
_struct_conf.end_label_comp_id       SER 
_struct_conf.end_label_asym_id       A 
_struct_conf.end_label_seq_id        44 
_struct_conf.pdbx_end_PDB_ins_code   ? 
_struct_conf.beg_auth_comp_id        ASN 
_struct_conf.beg_auth_asym_id        A 
_struct_conf.beg_auth_seq_id         33 
_struct_conf.end_auth_comp_id        SER 
_struct_conf.end_auth_asym_id        A 
_struct_conf.end_auth_seq_id         44 
_struct_conf.pdbx_PDB_helix_class    1 
_struct_conf.details                 ? 
_struct_conf.pdbx_PDB_helix_length   12 
# 
_struct_conf_type.id          HELX_P 
_struct_conf_type.criteria    ? 
_struct_conf_type.reference   ? 
# 
loop_
_struct_conn.id 
_struct_conn.conn_type_id 
_struct_conn.pdbx_leaving_atom_flag 
_struct_conn.pdbx_PDB_id 
_struct_conn.ptnr1_label_asym_id 
_struct_conn.ptnr1_label_comp_id 
_struct_conn.ptnr1_label_seq_id 
_struct_conn.ptnr1_label_atom_id 
_struct_conn.pdbx_ptnr1_label_alt_id 
_struct_conn.pdbx_ptnr1_PDB_ins_code 
_struct_conn.pdbx_ptnr1_standard_comp_id 
_struct_conn.ptnr1_symmetry 
_struct_conn.ptnr2_label_asym_id 
_struct_conn.ptnr2_label_comp_id 
_struct_conn.ptnr2_label_seq_id 
_struct_conn.ptnr2_label_atom_id 
_struct_conn.pdbx_ptnr2_label_alt_id 
_struct_conn.pdbx_ptnr2_PDB_ins_code 
_struct_conn.ptnr1_auth_asym_id 
_struct_conn.ptnr1_auth_comp_id 
_struct_conn.ptnr1_auth_seq_id 
_struct_conn.ptnr2_auth_asym_id 
_struct_conn.ptnr2_auth_comp_id 
_struct_conn.ptnr2_auth_seq_id 
_struct_conn.ptnr2_symmetry 
_struct_conn.pdbx_ptnr3_label_atom_id 
_struct_conn.pdbx_ptnr3_label_seq_id 
_struct_conn.pdbx_ptnr3_label_comp_id 
_struct_conn.pdbx_ptnr3_label_asym_id 
_struct_conn.pdbx_ptnr3_label_alt_id 
_struct_conn.pdbx_ptnr3_PDB_ins_code 
_struct_conn.details 
_struct_conn.pdbx_dist_value 
_struct_conn.pdbx_value_order 
_struct_conn.pdbx_role 
disulf1 disulf ? ? A CYS 8  SG ? ? ? 1_555 A CYS 38 SG ? ? A CYS 8  A CYS 38 1_555 ? ? ? ? ? ? ? 2.122 ? ? 
disulf2 disulf ? ? A CYS 16 SG ? ? ? 1_555 A CYS 35 SG ? ? A CYS 16 A CYS 35 1_555 ? ? ? ? ? ? ? 2.005 ? ? 
disulf3 disulf ? ? A CYS 24 SG ? ? ? 1_555 A CYS 56 SG ? ? A CYS 24 A CYS 56 1_555 ? ? ? ? ? ? ? 2.056 ? ? 
# 
_struct_conn_type.id          disulf 
_struct_conn_type.criteria    ? 
_struct_conn_type.reference   ? 
# 
loop_
_pdbx_modification_feature.ordinal 
_pdbx_modification_feature.label_comp_id 
_pdbx_modification_feature.label_asym_id 
_pdbx_modification_feature.label_seq_id 
_pdbx_modification_feature.label_alt_id 
_pdbx_modification_feature.modified_residue_label_comp_id 
_pdbx_modification_feature.modified_residue_label_asym_id 
_pdbx_modification_feature.modified_residue_label_seq_id 
_pdbx_modification_feature.modified_residue_label_alt_id 
_pdbx_modification_feature.auth_comp_id 
_pdbx_modification_feature.auth_asym_id 
_pdbx_modification_feature.auth_seq_id 
_pdbx_modification_feature.PDB_ins_code 
_pdbx_modification_feature.symmetry 
_pdbx_modification_feature.modified_residue_auth_comp_id 
_pdbx_modification_feature.modified_residue_auth_asym_id 
_pdbx_modification_feature.modified_residue_auth_seq_id 
_pdbx_modification_feature.modified_residue_PDB_ins_code 
_pdbx_modification_feature.modified_residue_symmetry 
_pdbx_modification_feature.comp_id_linking_atom 
_pdbx_modification_feature.modified_residue_id_linking_atom 
_pdbx_modification_feature.modified_residue_id 
_pdbx_modification_feature.ref_pcm_id 
_pdbx_modification_feature.ref_comp_id 
_pdbx_modification_feature.type 
_pdbx_modification_feature.category 
1 CYS A 8  ? CYS A 38 ? CYS A 8  ? 1_555 CYS A 38 ? 1_555 SG SG . . . None 'Disulfide bridge' 
2 CYS A 16 ? CYS A 35 ? CYS A 16 ? 1_555 CYS A 35 ? 1_555 SG SG . . . None 'Disulfide bridge' 
3 CYS A 24 ? CYS A 56 ? CYS A 24 ? 1_555 CYS A 56 ? 1_555 SG SG . . . None 'Disulfide bridge' 
# 
_struct_mon_prot_cis.pdbx_id                1 
_struct_mon_prot_cis.label_comp_id          TYR 
_struct_mon_prot_cis.label_seq_id           11 
_struct_mon_prot_cis.label_asym_id          A 
_struct_mon_prot_cis.label_alt_id           . 
_struct_mon_prot_cis.pdbx_PDB_ins_code      ? 
_struct_mon_prot_cis.auth_comp_id           TYR 
_struct_mon_prot_cis.auth_seq_id            11 
_struct_mon_prot_cis.auth_asym_id           A 
_struct_mon_prot_cis.pdbx_label_comp_id_2   PRO 
_struct_mon_prot_cis.pdbx_label_seq_id_2    12 
_struct_mon_prot_cis.pdbx_label_asym_id_2   A 
_struct_mon_prot_cis.pdbx_PDB_ins_code_2    ? 
_struct_mon_prot_cis.pdbx_auth_comp_id_2    PRO 
_struct_mon_prot_cis.pdbx_auth_seq_id_2     12 
_struct_mon_prot_cis.pdbx_auth_asym_id_2    A 
_struct_mon_prot_cis.pdbx_PDB_model_num     1 
_struct_mon_prot_cis.pdbx_omega_angle       9.57 
# 
_struct_sheet.id               SA 
_struct_sheet.type             ? 
_struct_sheet.number_strands   3 
_struct_sheet.details          ? 
# 
loop_
_struct_sheet_order.sheet_id 
_struct_sheet_order.range_id_1 
_struct_sheet_order.range_id_2 
_struct_sheet_order.offset 
_struct_sheet_order.sense 
SA 1 2 ? anti-parallel 
SA 2 3 ? anti-parallel 
# 
loop_
_struct_sheet_range.sheet_id 
_struct_sheet_range.id 
_struct_sheet_range.beg_label_comp_id 
_struct_sheet_range.beg_label_asym_id 
_struct_sheet_range.beg_label_seq_id 
_struct_sheet_range.pdbx_beg_PDB_ins_code 
_struct_sheet_range.end_label_comp_id 
_struct_sheet_range.end_label_asym_id 
_struct_sheet_range.end_label_seq_id 
_struct_sheet_range.pdbx_end_PDB_ins_code 
_struct_sheet_range.beg_auth_comp_id 
_struct_sheet_range.beg_auth_asym_id 
_struct_sheet_range.beg_auth_seq_id 
_struct_sheet_range.end_auth_comp_id 
_struct_sheet_range.end_auth_asym_id 
_struct_sheet_range.end_auth_seq_id 
SA 1 ASN A 28 ? SER A 32 ? ASN A 28 SER A 32 
SA 2 ARG A 21 ? ASP A 27 ? ARG A 21 ASP A 27 
SA 3 THR A 49 ? GLY A 54 ? THR A 49 GLY A 54 
# 
_pdbx_entry_details.entry_id                   3OVO 
_pdbx_entry_details.compound_details           'THE PEPTIDE BOND BETWEEN LYS 18 AND ASP 19 HAS BEEN HYDROLYZED' 
_pdbx_entry_details.source_details             ? 
_pdbx_entry_details.nonpolymer_details         ? 
_pdbx_entry_details.sequence_details           ? 
_pdbx_entry_details.has_ligand_of_interest     ? 
_pdbx_entry_details.has_protein_modification   Y 
# 
loop_
_pdbx_validate_symm_contact.id 
_pdbx_validate_symm_contact.PDB_model_num 
_pdbx_validate_symm_contact.auth_atom_id_1 
_pdbx_validate_symm_contact.auth_asym_id_1 
_pdbx_validate_symm_contact.auth_comp_id_1 
_pdbx_validate_symm_contact.auth_seq_id_1 
_pdbx_validate_symm_contact.PDB_ins_code_1 
_pdbx_validate_symm_contact.label_alt_id_1 
_pdbx_validate_symm_contact.site_symmetry_1 
_pdbx_validate_symm_contact.auth_atom_id_2 
_pdbx_validate_symm_contact.auth_asym_id_2 
_pdbx_validate_symm_contact.auth_comp_id_2 
_pdbx_validate_symm_contact.auth_seq_id_2 
_pdbx_validate_symm_contact.PDB_ins_code_2 
_pdbx_validate_symm_contact.label_alt_id_2 
_pdbx_validate_symm_contact.site_symmetry_2 
_pdbx_validate_symm_contact.dist 
1 1 CE  A LYS 18 ? ? 1_555 O  A HOH 129 ? ? 1_565 1.64 
2 1 NZ  A LYS 18 ? ? 1_555 O  A HOH 129 ? ? 1_565 1.66 
3 1 O   A LYS 18 ? ? 1_555 CZ A PHE 53  ? ? 1_565 1.97 
4 1 CG  A ASN 51 ? ? 1_555 O  A HOH 103 ? ? 1_546 1.99 
5 1 OD1 A ASN 51 ? ? 1_555 O  A HOH 104 ? ? 1_546 2.19 
# 
loop_
_pdbx_validate_rmsd_bond.id 
_pdbx_validate_rmsd_bond.PDB_model_num 
_pdbx_validate_rmsd_bond.auth_atom_id_1 
_pdbx_validate_rmsd_bond.auth_asym_id_1 
_pdbx_validate_rmsd_bond.auth_comp_id_1 
_pdbx_validate_rmsd_bond.auth_seq_id_1 
_pdbx_validate_rmsd_bond.PDB_ins_code_1 
_pdbx_validate_rmsd_bond.label_alt_id_1 
_pdbx_validate_rmsd_bond.auth_atom_id_2 
_pdbx_validate_rmsd_bond.auth_asym_id_2 
_pdbx_validate_rmsd_bond.auth_comp_id_2 
_pdbx_validate_rmsd_bond.auth_seq_id_2 
_pdbx_validate_rmsd_bond.PDB_ins_code_2 
_pdbx_validate_rmsd_bond.label_alt_id_2 
_pdbx_validate_rmsd_bond.bond_value 
_pdbx_validate_rmsd_bond.bond_target_value 
_pdbx_validate_rmsd_bond.bond_deviation 
_pdbx_validate_rmsd_bond.bond_standard_deviation 
_pdbx_validate_rmsd_bond.linker_flag 
1 1 CB A SER 5 ? ? OG A SER 5 ? ? 1.498 1.418 0.080  0.013 N 
2 1 CB A SER 9 ? ? OG A SER 9 ? ? 1.337 1.418 -0.081 0.013 N 
# 
loop_
_pdbx_validate_rmsd_angle.id 
_pdbx_validate_rmsd_angle.PDB_model_num 
_pdbx_validate_rmsd_angle.auth_atom_id_1 
_pdbx_validate_rmsd_angle.auth_asym_id_1 
_pdbx_validate_rmsd_angle.auth_comp_id_1 
_pdbx_validate_rmsd_angle.auth_seq_id_1 
_pdbx_validate_rmsd_angle.PDB_ins_code_1 
_pdbx_validate_rmsd_angle.label_alt_id_1 
_pdbx_validate_rmsd_angle.auth_atom_id_2 
_pdbx_validate_rmsd_angle.auth_asym_id_2 
_pdbx_validate_rmsd_angle.auth_comp_id_2 
_pdbx_validate_rmsd_angle.auth_seq_id_2 
_pdbx_validate_rmsd_angle.PDB_ins_code_2 
_pdbx_validate_rmsd_angle.label_alt_id_2 
_pdbx_validate_rmsd_angle.auth_atom_id_3 
_pdbx_validate_rmsd_angle.auth_asym_id_3 
_pdbx_validate_rmsd_angle.auth_comp_id_3 
_pdbx_validate_rmsd_angle.auth_seq_id_3 
_pdbx_validate_rmsd_angle.PDB_ins_code_3 
_pdbx_validate_rmsd_angle.label_alt_id_3 
_pdbx_validate_rmsd_angle.angle_value 
_pdbx_validate_rmsd_angle.angle_target_value 
_pdbx_validate_rmsd_angle.angle_deviation 
_pdbx_validate_rmsd_angle.angle_standard_deviation 
_pdbx_validate_rmsd_angle.linker_flag 
1 1 N   A SER 9  ? ? CA A SER 9  ? ? CB  A SER 9  ? ? 123.99 110.50 13.49  1.50 N 
2 1 CA  A CYS 16 ? ? CB A CYS 16 ? ? SG  A CYS 16 ? ? 120.83 114.20 6.63   1.10 N 
3 1 OD1 A ASP 19 ? ? CG A ASP 19 ? ? OD2 A ASP 19 ? ? 110.70 123.30 -12.60 1.90 N 
4 1 CB  A ASP 19 ? ? CG A ASP 19 ? ? OD2 A ASP 19 ? ? 124.03 118.30 5.73   0.90 N 
5 1 N   A TYR 20 ? ? CA A TYR 20 ? ? CB  A TYR 20 ? ? 96.91  110.60 -13.69 1.80 N 
6 1 CA  A TYR 20 ? ? CB A TYR 20 ? ? CG  A TYR 20 ? ? 101.31 113.40 -12.09 1.90 N 
7 1 CB  A TYR 20 ? ? CG A TYR 20 ? ? CD1 A TYR 20 ? ? 115.05 121.00 -5.95  0.60 N 
# 
loop_
_pdbx_validate_planes.id 
_pdbx_validate_planes.PDB_model_num 
_pdbx_validate_planes.auth_comp_id 
_pdbx_validate_planes.auth_asym_id 
_pdbx_validate_planes.auth_seq_id 
_pdbx_validate_planes.PDB_ins_code 
_pdbx_validate_planes.label_alt_id 
_pdbx_validate_planes.rmsd 
_pdbx_validate_planes.type 
1 1 ASP A 7  ? ? 0.100 'SIDE CHAIN' 
2 1 ASP A 19 ? ? 0.094 'SIDE CHAIN' 
3 1 TYR A 20 ? ? 0.070 'SIDE CHAIN' 
4 1 ASN A 51 ? ? 0.070 'SIDE CHAIN' 
# 
loop_
_pdbx_validate_main_chain_plane.id 
_pdbx_validate_main_chain_plane.PDB_model_num 
_pdbx_validate_main_chain_plane.auth_comp_id 
_pdbx_validate_main_chain_plane.auth_asym_id 
_pdbx_validate_main_chain_plane.auth_seq_id 
_pdbx_validate_main_chain_plane.PDB_ins_code 
_pdbx_validate_main_chain_plane.label_alt_id 
_pdbx_validate_main_chain_plane.improper_torsion_angle 
1 1 SER A 5  ? ? -10.39 
2 1 LYS A 13 ? ? 10.18  
# 
_pdbx_validate_polymer_linkage.id               1 
_pdbx_validate_polymer_linkage.PDB_model_num    1 
_pdbx_validate_polymer_linkage.auth_atom_id_1   C 
_pdbx_validate_polymer_linkage.auth_asym_id_1   A 
_pdbx_validate_polymer_linkage.auth_comp_id_1   LYS 
_pdbx_validate_polymer_linkage.auth_seq_id_1    18 
_pdbx_validate_polymer_linkage.PDB_ins_code_1   ? 
_pdbx_validate_polymer_linkage.label_alt_id_1   ? 
_pdbx_validate_polymer_linkage.auth_atom_id_2   N 
_pdbx_validate_polymer_linkage.auth_asym_id_2   A 
_pdbx_validate_polymer_linkage.auth_comp_id_2   ASP 
_pdbx_validate_polymer_linkage.auth_seq_id_2    19 
_pdbx_validate_polymer_linkage.PDB_ins_code_2   ? 
_pdbx_validate_polymer_linkage.label_alt_id_2   ? 
_pdbx_validate_polymer_linkage.dist             8.90 
# 
loop_
_pdbx_unobs_or_zero_occ_residues.id 
_pdbx_unobs_or_zero_occ_residues.PDB_model_num 
_pdbx_unobs_or_zero_occ_residues.polymer_flag 
_pdbx_unobs_or_zero_occ_residues.occupancy_flag 
_pdbx_unobs_or_zero_occ_residues.auth_asym_id 
_pdbx_unobs_or_zero_occ_residues.auth_comp_id 
_pdbx_unobs_or_zero_occ_residues.auth_seq_id 
_pdbx_unobs_or_zero_occ_residues.PDB_ins_code 
_pdbx_unobs_or_zero_occ_residues.label_asym_id 
_pdbx_unobs_or_zero_occ_residues.label_comp_id 
_pdbx_unobs_or_zero_occ_residues.label_seq_id 
1 1 Y 0 A PRO 17 ? A PRO 17 
2 1 Y 0 A LYS 18 ? A LYS 18 
# 
loop_
_chem_comp_atom.comp_id 
_chem_comp_atom.atom_id 
_chem_comp_atom.type_symbol 
_chem_comp_atom.pdbx_aromatic_flag 
_chem_comp_atom.pdbx_stereo_config 
_chem_comp_atom.pdbx_ordinal 
ALA N    N N N 1   
ALA CA   C N S 2   
ALA C    C N N 3   
ALA O    O N N 4   
ALA CB   C N N 5   
ALA OXT  O N N 6   
ALA H    H N N 7   
ALA H2   H N N 8   
ALA HA   H N N 9   
ALA HB1  H N N 10  
ALA HB2  H N N 11  
ALA HB3  H N N 12  
ALA HXT  H N N 13  
ARG N    N N N 14  
ARG CA   C N S 15  
ARG C    C N N 16  
ARG O    O N N 17  
ARG CB   C N N 18  
ARG CG   C N N 19  
ARG CD   C N N 20  
ARG NE   N N N 21  
ARG CZ   C N N 22  
ARG NH1  N N N 23  
ARG NH2  N N N 24  
ARG OXT  O N N 25  
ARG H    H N N 26  
ARG H2   H N N 27  
ARG HA   H N N 28  
ARG HB2  H N N 29  
ARG HB3  H N N 30  
ARG HG2  H N N 31  
ARG HG3  H N N 32  
ARG HD2  H N N 33  
ARG HD3  H N N 34  
ARG HE   H N N 35  
ARG HH11 H N N 36  
ARG HH12 H N N 37  
ARG HH21 H N N 38  
ARG HH22 H N N 39  
ARG HXT  H N N 40  
ASN N    N N N 41  
ASN CA   C N S 42  
ASN C    C N N 43  
ASN O    O N N 44  
ASN CB   C N N 45  
ASN CG   C N N 46  
ASN OD1  O N N 47  
ASN ND2  N N N 48  
ASN OXT  O N N 49  
ASN H    H N N 50  
ASN H2   H N N 51  
ASN HA   H N N 52  
ASN HB2  H N N 53  
ASN HB3  H N N 54  
ASN HD21 H N N 55  
ASN HD22 H N N 56  
ASN HXT  H N N 57  
ASP N    N N N 58  
ASP CA   C N S 59  
ASP C    C N N 60  
ASP O    O N N 61  
ASP CB   C N N 62  
ASP CG   C N N 63  
ASP OD1  O N N 64  
ASP OD2  O N N 65  
ASP OXT  O N N 66  
ASP H    H N N 67  
ASP H2   H N N 68  
ASP HA   H N N 69  
ASP HB2  H N N 70  
ASP HB3  H N N 71  
ASP HD2  H N N 72  
ASP HXT  H N N 73  
CYS N    N N N 74  
CYS CA   C N R 75  
CYS C    C N N 76  
CYS O    O N N 77  
CYS CB   C N N 78  
CYS SG   S N N 79  
CYS OXT  O N N 80  
CYS H    H N N 81  
CYS H2   H N N 82  
CYS HA   H N N 83  
CYS HB2  H N N 84  
CYS HB3  H N N 85  
CYS HG   H N N 86  
CYS HXT  H N N 87  
GLU N    N N N 88  
GLU CA   C N S 89  
GLU C    C N N 90  
GLU O    O N N 91  
GLU CB   C N N 92  
GLU CG   C N N 93  
GLU CD   C N N 94  
GLU OE1  O N N 95  
GLU OE2  O N N 96  
GLU OXT  O N N 97  
GLU H    H N N 98  
GLU H2   H N N 99  
GLU HA   H N N 100 
GLU HB2  H N N 101 
GLU HB3  H N N 102 
GLU HG2  H N N 103 
GLU HG3  H N N 104 
GLU HE2  H N N 105 
GLU HXT  H N N 106 
GLY N    N N N 107 
GLY CA   C N N 108 
GLY C    C N N 109 
GLY O    O N N 110 
GLY OXT  O N N 111 
GLY H    H N N 112 
GLY H2   H N N 113 
GLY HA2  H N N 114 
GLY HA3  H N N 115 
GLY HXT  H N N 116 
HIS N    N N N 117 
HIS CA   C N S 118 
HIS C    C N N 119 
HIS O    O N N 120 
HIS CB   C N N 121 
HIS CG   C Y N 122 
HIS ND1  N Y N 123 
HIS CD2  C Y N 124 
HIS CE1  C Y N 125 
HIS NE2  N Y N 126 
HIS OXT  O N N 127 
HIS H    H N N 128 
HIS H2   H N N 129 
HIS HA   H N N 130 
HIS HB2  H N N 131 
HIS HB3  H N N 132 
HIS HD1  H N N 133 
HIS HD2  H N N 134 
HIS HE1  H N N 135 
HIS HE2  H N N 136 
HIS HXT  H N N 137 
HOH O    O N N 138 
HOH H1   H N N 139 
HOH H2   H N N 140 
LEU N    N N N 141 
LEU CA   C N S 142 
LEU C    C N N 143 
LEU O    O N N 144 
LEU CB   C N N 145 
LEU CG   C N N 146 
LEU CD1  C N N 147 
LEU CD2  C N N 148 
LEU OXT  O N N 149 
LEU H    H N N 150 
LEU H2   H N N 151 
LEU HA   H N N 152 
LEU HB2  H N N 153 
LEU HB3  H N N 154 
LEU HG   H N N 155 
LEU HD11 H N N 156 
LEU HD12 H N N 157 
LEU HD13 H N N 158 
LEU HD21 H N N 159 
LEU HD22 H N N 160 
LEU HD23 H N N 161 
LEU HXT  H N N 162 
LYS N    N N N 163 
LYS CA   C N S 164 
LYS C    C N N 165 
LYS O    O N N 166 
LYS CB   C N N 167 
LYS CG   C N N 168 
LYS CD   C N N 169 
LYS CE   C N N 170 
LYS NZ   N N N 171 
LYS OXT  O N N 172 
LYS H    H N N 173 
LYS H2   H N N 174 
LYS HA   H N N 175 
LYS HB2  H N N 176 
LYS HB3  H N N 177 
LYS HG2  H N N 178 
LYS HG3  H N N 179 
LYS HD2  H N N 180 
LYS HD3  H N N 181 
LYS HE2  H N N 182 
LYS HE3  H N N 183 
LYS HZ1  H N N 184 
LYS HZ2  H N N 185 
LYS HZ3  H N N 186 
LYS HXT  H N N 187 
PHE N    N N N 188 
PHE CA   C N S 189 
PHE C    C N N 190 
PHE O    O N N 191 
PHE CB   C N N 192 
PHE CG   C Y N 193 
PHE CD1  C Y N 194 
PHE CD2  C Y N 195 
PHE CE1  C Y N 196 
PHE CE2  C Y N 197 
PHE CZ   C Y N 198 
PHE OXT  O N N 199 
PHE H    H N N 200 
PHE H2   H N N 201 
PHE HA   H N N 202 
PHE HB2  H N N 203 
PHE HB3  H N N 204 
PHE HD1  H N N 205 
PHE HD2  H N N 206 
PHE HE1  H N N 207 
PHE HE2  H N N 208 
PHE HZ   H N N 209 
PHE HXT  H N N 210 
PRO N    N N N 211 
PRO CA   C N S 212 
PRO C    C N N 213 
PRO O    O N N 214 
PRO CB   C N N 215 
PRO CG   C N N 216 
PRO CD   C N N 217 
PRO OXT  O N N 218 
PRO H    H N N 219 
PRO HA   H N N 220 
PRO HB2  H N N 221 
PRO HB3  H N N 222 
PRO HG2  H N N 223 
PRO HG3  H N N 224 
PRO HD2  H N N 225 
PRO HD3  H N N 226 
PRO HXT  H N N 227 
SER N    N N N 228 
SER CA   C N S 229 
SER C    C N N 230 
SER O    O N N 231 
SER CB   C N N 232 
SER OG   O N N 233 
SER OXT  O N N 234 
SER H    H N N 235 
SER H2   H N N 236 
SER HA   H N N 237 
SER HB2  H N N 238 
SER HB3  H N N 239 
SER HG   H N N 240 
SER HXT  H N N 241 
THR N    N N N 242 
THR CA   C N S 243 
THR C    C N N 244 
THR O    O N N 245 
THR CB   C N R 246 
THR OG1  O N N 247 
THR CG2  C N N 248 
THR OXT  O N N 249 
THR H    H N N 250 
THR H2   H N N 251 
THR HA   H N N 252 
THR HB   H N N 253 
THR HG1  H N N 254 
THR HG21 H N N 255 
THR HG22 H N N 256 
THR HG23 H N N 257 
THR HXT  H N N 258 
TYR N    N N N 259 
TYR CA   C N S 260 
TYR C    C N N 261 
TYR O    O N N 262 
TYR CB   C N N 263 
TYR CG   C Y N 264 
TYR CD1  C Y N 265 
TYR CD2  C Y N 266 
TYR CE1  C Y N 267 
TYR CE2  C Y N 268 
TYR CZ   C Y N 269 
TYR OH   O N N 270 
TYR OXT  O N N 271 
TYR H    H N N 272 
TYR H2   H N N 273 
TYR HA   H N N 274 
TYR HB2  H N N 275 
TYR HB3  H N N 276 
TYR HD1  H N N 277 
TYR HD2  H N N 278 
TYR HE1  H N N 279 
TYR HE2  H N N 280 
TYR HH   H N N 281 
TYR HXT  H N N 282 
VAL N    N N N 283 
VAL CA   C N S 284 
VAL C    C N N 285 
VAL O    O N N 286 
VAL CB   C N N 287 
VAL CG1  C N N 288 
VAL CG2  C N N 289 
VAL OXT  O N N 290 
VAL H    H N N 291 
VAL H2   H N N 292 
VAL HA   H N N 293 
VAL HB   H N N 294 
VAL HG11 H N N 295 
VAL HG12 H N N 296 
VAL HG13 H N N 297 
VAL HG21 H N N 298 
VAL HG22 H N N 299 
VAL HG23 H N N 300 
VAL HXT  H N N 301 
# 
loop_
_chem_comp_bond.comp_id 
_chem_comp_bond.atom_id_1 
_chem_comp_bond.atom_id_2 
_chem_comp_bond.value_order 
_chem_comp_bond.pdbx_aromatic_flag 
_chem_comp_bond.pdbx_stereo_config 
_chem_comp_bond.pdbx_ordinal 
ALA N   CA   sing N N 1   
ALA N   H    sing N N 2   
ALA N   H2   sing N N 3   
ALA CA  C    sing N N 4   
ALA CA  CB   sing N N 5   
ALA CA  HA   sing N N 6   
ALA C   O    doub N N 7   
ALA C   OXT  sing N N 8   
ALA CB  HB1  sing N N 9   
ALA CB  HB2  sing N N 10  
ALA CB  HB3  sing N N 11  
ALA OXT HXT  sing N N 12  
ARG N   CA   sing N N 13  
ARG N   H    sing N N 14  
ARG N   H2   sing N N 15  
ARG CA  C    sing N N 16  
ARG CA  CB   sing N N 17  
ARG CA  HA   sing N N 18  
ARG C   O    doub N N 19  
ARG C   OXT  sing N N 20  
ARG CB  CG   sing N N 21  
ARG CB  HB2  sing N N 22  
ARG CB  HB3  sing N N 23  
ARG CG  CD   sing N N 24  
ARG CG  HG2  sing N N 25  
ARG CG  HG3  sing N N 26  
ARG CD  NE   sing N N 27  
ARG CD  HD2  sing N N 28  
ARG CD  HD3  sing N N 29  
ARG NE  CZ   sing N N 30  
ARG NE  HE   sing N N 31  
ARG CZ  NH1  sing N N 32  
ARG CZ  NH2  doub N N 33  
ARG NH1 HH11 sing N N 34  
ARG NH1 HH12 sing N N 35  
ARG NH2 HH21 sing N N 36  
ARG NH2 HH22 sing N N 37  
ARG OXT HXT  sing N N 38  
ASN N   CA   sing N N 39  
ASN N   H    sing N N 40  
ASN N   H2   sing N N 41  
ASN CA  C    sing N N 42  
ASN CA  CB   sing N N 43  
ASN CA  HA   sing N N 44  
ASN C   O    doub N N 45  
ASN C   OXT  sing N N 46  
ASN CB  CG   sing N N 47  
ASN CB  HB2  sing N N 48  
ASN CB  HB3  sing N N 49  
ASN CG  OD1  doub N N 50  
ASN CG  ND2  sing N N 51  
ASN ND2 HD21 sing N N 52  
ASN ND2 HD22 sing N N 53  
ASN OXT HXT  sing N N 54  
ASP N   CA   sing N N 55  
ASP N   H    sing N N 56  
ASP N   H2   sing N N 57  
ASP CA  C    sing N N 58  
ASP CA  CB   sing N N 59  
ASP CA  HA   sing N N 60  
ASP C   O    doub N N 61  
ASP C   OXT  sing N N 62  
ASP CB  CG   sing N N 63  
ASP CB  HB2  sing N N 64  
ASP CB  HB3  sing N N 65  
ASP CG  OD1  doub N N 66  
ASP CG  OD2  sing N N 67  
ASP OD2 HD2  sing N N 68  
ASP OXT HXT  sing N N 69  
CYS N   CA   sing N N 70  
CYS N   H    sing N N 71  
CYS N   H2   sing N N 72  
CYS CA  C    sing N N 73  
CYS CA  CB   sing N N 74  
CYS CA  HA   sing N N 75  
CYS C   O    doub N N 76  
CYS C   OXT  sing N N 77  
CYS CB  SG   sing N N 78  
CYS CB  HB2  sing N N 79  
CYS CB  HB3  sing N N 80  
CYS SG  HG   sing N N 81  
CYS OXT HXT  sing N N 82  
GLU N   CA   sing N N 83  
GLU N   H    sing N N 84  
GLU N   H2   sing N N 85  
GLU CA  C    sing N N 86  
GLU CA  CB   sing N N 87  
GLU CA  HA   sing N N 88  
GLU C   O    doub N N 89  
GLU C   OXT  sing N N 90  
GLU CB  CG   sing N N 91  
GLU CB  HB2  sing N N 92  
GLU CB  HB3  sing N N 93  
GLU CG  CD   sing N N 94  
GLU CG  HG2  sing N N 95  
GLU CG  HG3  sing N N 96  
GLU CD  OE1  doub N N 97  
GLU CD  OE2  sing N N 98  
GLU OE2 HE2  sing N N 99  
GLU OXT HXT  sing N N 100 
GLY N   CA   sing N N 101 
GLY N   H    sing N N 102 
GLY N   H2   sing N N 103 
GLY CA  C    sing N N 104 
GLY CA  HA2  sing N N 105 
GLY CA  HA3  sing N N 106 
GLY C   O    doub N N 107 
GLY C   OXT  sing N N 108 
GLY OXT HXT  sing N N 109 
HIS N   CA   sing N N 110 
HIS N   H    sing N N 111 
HIS N   H2   sing N N 112 
HIS CA  C    sing N N 113 
HIS CA  CB   sing N N 114 
HIS CA  HA   sing N N 115 
HIS C   O    doub N N 116 
HIS C   OXT  sing N N 117 
HIS CB  CG   sing N N 118 
HIS CB  HB2  sing N N 119 
HIS CB  HB3  sing N N 120 
HIS CG  ND1  sing Y N 121 
HIS CG  CD2  doub Y N 122 
HIS ND1 CE1  doub Y N 123 
HIS ND1 HD1  sing N N 124 
HIS CD2 NE2  sing Y N 125 
HIS CD2 HD2  sing N N 126 
HIS CE1 NE2  sing Y N 127 
HIS CE1 HE1  sing N N 128 
HIS NE2 HE2  sing N N 129 
HIS OXT HXT  sing N N 130 
HOH O   H1   sing N N 131 
HOH O   H2   sing N N 132 
LEU N   CA   sing N N 133 
LEU N   H    sing N N 134 
LEU N   H2   sing N N 135 
LEU CA  C    sing N N 136 
LEU CA  CB   sing N N 137 
LEU CA  HA   sing N N 138 
LEU C   O    doub N N 139 
LEU C   OXT  sing N N 140 
LEU CB  CG   sing N N 141 
LEU CB  HB2  sing N N 142 
LEU CB  HB3  sing N N 143 
LEU CG  CD1  sing N N 144 
LEU CG  CD2  sing N N 145 
LEU CG  HG   sing N N 146 
LEU CD1 HD11 sing N N 147 
LEU CD1 HD12 sing N N 148 
LEU CD1 HD13 sing N N 149 
LEU CD2 HD21 sing N N 150 
LEU CD2 HD22 sing N N 151 
LEU CD2 HD23 sing N N 152 
LEU OXT HXT  sing N N 153 
LYS N   CA   sing N N 154 
LYS N   H    sing N N 155 
LYS N   H2   sing N N 156 
LYS CA  C    sing N N 157 
LYS CA  CB   sing N N 158 
LYS CA  HA   sing N N 159 
LYS C   O    doub N N 160 
LYS C   OXT  sing N N 161 
LYS CB  CG   sing N N 162 
LYS CB  HB2  sing N N 163 
LYS CB  HB3  sing N N 164 
LYS CG  CD   sing N N 165 
LYS CG  HG2  sing N N 166 
LYS CG  HG3  sing N N 167 
LYS CD  CE   sing N N 168 
LYS CD  HD2  sing N N 169 
LYS CD  HD3  sing N N 170 
LYS CE  NZ   sing N N 171 
LYS CE  HE2  sing N N 172 
LYS CE  HE3  sing N N 173 
LYS NZ  HZ1  sing N N 174 
LYS NZ  HZ2  sing N N 175 
LYS NZ  HZ3  sing N N 176 
LYS OXT HXT  sing N N 177 
PHE N   CA   sing N N 178 
PHE N   H    sing N N 179 
PHE N   H2   sing N N 180 
PHE CA  C    sing N N 181 
PHE CA  CB   sing N N 182 
PHE CA  HA   sing N N 183 
PHE C   O    doub N N 184 
PHE C   OXT  sing N N 185 
PHE CB  CG   sing N N 186 
PHE CB  HB2  sing N N 187 
PHE CB  HB3  sing N N 188 
PHE CG  CD1  doub Y N 189 
PHE CG  CD2  sing Y N 190 
PHE CD1 CE1  sing Y N 191 
PHE CD1 HD1  sing N N 192 
PHE CD2 CE2  doub Y N 193 
PHE CD2 HD2  sing N N 194 
PHE CE1 CZ   doub Y N 195 
PHE CE1 HE1  sing N N 196 
PHE CE2 CZ   sing Y N 197 
PHE CE2 HE2  sing N N 198 
PHE CZ  HZ   sing N N 199 
PHE OXT HXT  sing N N 200 
PRO N   CA   sing N N 201 
PRO N   CD   sing N N 202 
PRO N   H    sing N N 203 
PRO CA  C    sing N N 204 
PRO CA  CB   sing N N 205 
PRO CA  HA   sing N N 206 
PRO C   O    doub N N 207 
PRO C   OXT  sing N N 208 
PRO CB  CG   sing N N 209 
PRO CB  HB2  sing N N 210 
PRO CB  HB3  sing N N 211 
PRO CG  CD   sing N N 212 
PRO CG  HG2  sing N N 213 
PRO CG  HG3  sing N N 214 
PRO CD  HD2  sing N N 215 
PRO CD  HD3  sing N N 216 
PRO OXT HXT  sing N N 217 
SER N   CA   sing N N 218 
SER N   H    sing N N 219 
SER N   H2   sing N N 220 
SER CA  C    sing N N 221 
SER CA  CB   sing N N 222 
SER CA  HA   sing N N 223 
SER C   O    doub N N 224 
SER C   OXT  sing N N 225 
SER CB  OG   sing N N 226 
SER CB  HB2  sing N N 227 
SER CB  HB3  sing N N 228 
SER OG  HG   sing N N 229 
SER OXT HXT  sing N N 230 
THR N   CA   sing N N 231 
THR N   H    sing N N 232 
THR N   H2   sing N N 233 
THR CA  C    sing N N 234 
THR CA  CB   sing N N 235 
THR CA  HA   sing N N 236 
THR C   O    doub N N 237 
THR C   OXT  sing N N 238 
THR CB  OG1  sing N N 239 
THR CB  CG2  sing N N 240 
THR CB  HB   sing N N 241 
THR OG1 HG1  sing N N 242 
THR CG2 HG21 sing N N 243 
THR CG2 HG22 sing N N 244 
THR CG2 HG23 sing N N 245 
THR OXT HXT  sing N N 246 
TYR N   CA   sing N N 247 
TYR N   H    sing N N 248 
TYR N   H2   sing N N 249 
TYR CA  C    sing N N 250 
TYR CA  CB   sing N N 251 
TYR CA  HA   sing N N 252 
TYR C   O    doub N N 253 
TYR C   OXT  sing N N 254 
TYR CB  CG   sing N N 255 
TYR CB  HB2  sing N N 256 
TYR CB  HB3  sing N N 257 
TYR CG  CD1  doub Y N 258 
TYR CG  CD2  sing Y N 259 
TYR CD1 CE1  sing Y N 260 
TYR CD1 HD1  sing N N 261 
TYR CD2 CE2  doub Y N 262 
TYR CD2 HD2  sing N N 263 
TYR CE1 CZ   doub Y N 264 
TYR CE1 HE1  sing N N 265 
TYR CE2 CZ   sing Y N 266 
TYR CE2 HE2  sing N N 267 
TYR CZ  OH   sing N N 268 
TYR OH  HH   sing N N 269 
TYR OXT HXT  sing N N 270 
VAL N   CA   sing N N 271 
VAL N   H    sing N N 272 
VAL N   H2   sing N N 273 
VAL CA  C    sing N N 274 
VAL CA  CB   sing N N 275 
VAL CA  HA   sing N N 276 
VAL C   O    doub N N 277 
VAL C   OXT  sing N N 278 
VAL CB  CG1  sing N N 279 
VAL CB  CG2  sing N N 280 
VAL CB  HB   sing N N 281 
VAL CG1 HG11 sing N N 282 
VAL CG1 HG12 sing N N 283 
VAL CG1 HG13 sing N N 284 
VAL CG2 HG21 sing N N 285 
VAL CG2 HG22 sing N N 286 
VAL CG2 HG23 sing N N 287 
VAL OXT HXT  sing N N 288 
# 
_atom_sites.entry_id                    3OVO 
_atom_sites.fract_transf_matrix[1][1]   -0.00318404 
_atom_sites.fract_transf_matrix[1][2]   -0.04827902 
_atom_sites.fract_transf_matrix[1][3]   -0.00138659 
_atom_sites.fract_transf_matrix[2][1]   -0.04726998 
_atom_sites.fract_transf_matrix[2][2]   -0.01066058 
_atom_sites.fract_transf_matrix[2][3]   0.02593833 
_atom_sites.fract_transf_matrix[3][1]   -0.00190252 
_atom_sites.fract_transf_matrix[3][2]   -0.01157489 
_atom_sites.fract_transf_matrix[3][3]   -0.04054942 
_atom_sites.fract_transf_vector[1]      0.025067 
_atom_sites.fract_transf_vector[2]      -0.053361 
_atom_sites.fract_transf_vector[3]      0.016654 
# 
loop_
_atom_sites_footnote.id 
_atom_sites_footnote.text 
1 'RESIDUE PRO 12 IS A CIS PROLINE.'                                
2 'THE PEPTIDE BOND BETWEEN LYS 18 AND ASP 19 HAS BEEN HYDROLYZED.' 
# 
loop_
_atom_type.symbol 
C 
N 
O 
S 
# 
loop_
_atom_site.group_PDB 
_atom_site.id 
_atom_site.type_symbol 
_atom_site.label_atom_id 
_atom_site.label_alt_id 
_atom_site.label_comp_id 
_atom_site.label_asym_id 
_atom_site.label_entity_id 
_atom_site.label_seq_id 
_atom_site.pdbx_PDB_ins_code 
_atom_site.Cartn_x 
_atom_site.Cartn_y 
_atom_site.Cartn_z 
_atom_site.occupancy 
_atom_site.B_iso_or_equiv 
_atom_site.pdbx_formal_charge 
_atom_site.auth_seq_id 
_atom_site.auth_comp_id 
_atom_site.auth_asym_id 
_atom_site.auth_atom_id 
_atom_site.pdbx_PDB_model_num 
ATOM   1   N N   . LEU A 1 1  ? 14.865  -5.996  -5.277  1.00 25.51 ? 1   LEU A N   1 
ATOM   2   C CA  . LEU A 1 1  ? 13.614  -5.573  -5.873  1.00 23.36 ? 1   LEU A CA  1 
ATOM   3   C C   . LEU A 1 1  ? 12.971  -4.268  -5.393  1.00 23.27 ? 1   LEU A C   1 
ATOM   4   O O   . LEU A 1 1  ? 12.758  -3.398  -6.265  1.00 24.90 ? 1   LEU A O   1 
ATOM   5   C CB  . LEU A 1 1  ? 12.614  -6.613  -6.450  1.00 22.31 ? 1   LEU A CB  1 
ATOM   6   C CG  . LEU A 1 1  ? 11.250  -5.914  -6.814  1.00 26.94 ? 1   LEU A CG  1 
ATOM   7   C CD1 . LEU A 1 1  ? 10.834  -5.802  -8.283  1.00 25.52 ? 1   LEU A CD1 1 
ATOM   8   C CD2 . LEU A 1 1  ? 10.090  -6.074  -5.774  1.00 31.62 ? 1   LEU A CD2 1 
ATOM   9   N N   . ALA A 1 2  ? 12.662  -4.070  -4.115  1.00 23.80 ? 2   ALA A N   1 
ATOM   10  C CA  . ALA A 1 2  ? 11.958  -2.771  -3.853  1.00 28.64 ? 2   ALA A CA  1 
ATOM   11  C C   . ALA A 1 2  ? 12.899  -1.626  -3.566  1.00 19.53 ? 2   ALA A C   1 
ATOM   12  O O   . ALA A 1 2  ? 13.660  -1.696  -2.561  1.00 21.07 ? 2   ALA A O   1 
ATOM   13  C CB  . ALA A 1 2  ? 10.946  -2.733  -2.694  1.00 26.40 ? 2   ALA A CB  1 
ATOM   14  N N   . ALA A 1 3  ? 12.745  -0.571  -4.341  1.00 19.38 ? 3   ALA A N   1 
ATOM   15  C CA  . ALA A 1 3  ? 13.583  0.653   -4.016  1.00 20.39 ? 3   ALA A CA  1 
ATOM   16  C C   . ALA A 1 3  ? 13.148  1.331   -2.697  1.00 29.74 ? 3   ALA A C   1 
ATOM   17  O O   . ALA A 1 3  ? 13.909  2.117   -2.088  1.00 19.72 ? 3   ALA A O   1 
ATOM   18  C CB  . ALA A 1 3  ? 13.453  1.697   -5.145  1.00 17.84 ? 3   ALA A CB  1 
ATOM   19  N N   . VAL A 1 4  ? 11.859  1.214   -2.363  1.00 25.78 ? 4   VAL A N   1 
ATOM   20  C CA  . VAL A 1 4  ? 11.222  1.879   -1.189  1.00 19.58 ? 4   VAL A CA  1 
ATOM   21  C C   . VAL A 1 4  ? 10.189  0.915   -0.588  1.00 15.48 ? 4   VAL A C   1 
ATOM   22  O O   . VAL A 1 4  ? 9.820   -0.091  -1.246  1.00 15.62 ? 4   VAL A O   1 
ATOM   23  C CB  . VAL A 1 4  ? 10.479  3.186   -1.659  1.00 27.67 ? 4   VAL A CB  1 
ATOM   24  C CG1 . VAL A 1 4  ? 11.539  4.258   -1.977  1.00 19.72 ? 4   VAL A CG1 1 
ATOM   25  C CG2 . VAL A 1 4  ? 9.541   2.902   -2.903  1.00 17.86 ? 4   VAL A CG2 1 
ATOM   26  N N   . SER A 1 5  ? 9.774   1.234   0.598   1.00 12.85 ? 5   SER A N   1 
ATOM   27  C CA  . SER A 1 5  ? 8.846   0.250   1.246   1.00 23.15 ? 5   SER A CA  1 
ATOM   28  C C   . SER A 1 5  ? 8.076   0.950   2.379   1.00 17.17 ? 5   SER A C   1 
ATOM   29  O O   . SER A 1 5  ? 8.593   1.901   3.017   1.00 15.66 ? 5   SER A O   1 
ATOM   30  C CB  . SER A 1 5  ? 9.741   -0.918  1.897   1.00 27.57 ? 5   SER A CB  1 
ATOM   31  O OG  . SER A 1 5  ? 10.695  -0.519  2.980   1.00 22.11 ? 5   SER A OG  1 
ATOM   32  N N   . VAL A 1 6  ? 7.086   0.289   2.882   1.00 13.65 ? 6   VAL A N   1 
ATOM   33  C CA  . VAL A 1 6  ? 6.480   0.782   4.140   1.00 21.46 ? 6   VAL A CA  1 
ATOM   34  C C   . VAL A 1 6  ? 6.265   -0.458  4.952   1.00 16.30 ? 6   VAL A C   1 
ATOM   35  O O   . VAL A 1 6  ? 6.276   -1.567  4.342   1.00 18.13 ? 6   VAL A O   1 
ATOM   36  C CB  . VAL A 1 6  ? 5.055   1.419   3.950   1.00 20.86 ? 6   VAL A CB  1 
ATOM   37  C CG1 . VAL A 1 6  ? 5.035   2.750   3.173   1.00 23.65 ? 6   VAL A CG1 1 
ATOM   38  C CG2 . VAL A 1 6  ? 4.130   0.437   3.248   1.00 18.67 ? 6   VAL A CG2 1 
ATOM   39  N N   . ASP A 1 7  ? 6.003   -0.243  6.255   1.00 22.14 ? 7   ASP A N   1 
ATOM   40  C CA  . ASP A 1 7  ? 5.901   -1.428  7.131   1.00 25.33 ? 7   ASP A CA  1 
ATOM   41  C C   . ASP A 1 7  ? 4.492   -1.991  7.176   1.00 18.99 ? 7   ASP A C   1 
ATOM   42  O O   . ASP A 1 7  ? 3.622   -1.342  7.776   1.00 15.58 ? 7   ASP A O   1 
ATOM   43  C CB  . ASP A 1 7  ? 6.402   -1.105  8.545   1.00 20.89 ? 7   ASP A CB  1 
ATOM   44  C CG  . ASP A 1 7  ? 6.174   -2.266  9.517   1.00 15.74 ? 7   ASP A CG  1 
ATOM   45  O OD1 . ASP A 1 7  ? 6.288   -3.434  9.098   1.00 15.91 ? 7   ASP A OD1 1 
ATOM   46  O OD2 . ASP A 1 7  ? 6.526   -2.067  10.702  1.00 24.09 ? 7   ASP A OD2 1 
ATOM   47  N N   . CYS A 1 8  ? 4.292   -3.102  6.549   1.00 11.39 ? 8   CYS A N   1 
ATOM   48  C CA  . CYS A 1 8  ? 2.951   -3.717  6.579   1.00 17.51 ? 8   CYS A CA  1 
ATOM   49  C C   . CYS A 1 8  ? 2.856   -4.860  7.613   1.00 17.26 ? 8   CYS A C   1 
ATOM   50  O O   . CYS A 1 8  ? 1.988   -5.744  7.378   1.00 17.18 ? 8   CYS A O   1 
ATOM   51  C CB  . CYS A 1 8  ? 2.477   -4.250  5.202   1.00 14.24 ? 8   CYS A CB  1 
ATOM   52  S SG  . CYS A 1 8  ? 2.499   -2.984  3.886   1.00 16.82 ? 8   CYS A SG  1 
ATOM   53  N N   . SER A 1 9  ? 3.757   -4.949  8.615   1.00 17.05 ? 9   SER A N   1 
ATOM   54  C CA  . SER A 1 9  ? 3.710   -6.179  9.434   1.00 16.71 ? 9   SER A CA  1 
ATOM   55  C C   . SER A 1 9  ? 2.460   -6.355  10.306  1.00 31.06 ? 9   SER A C   1 
ATOM   56  O O   . SER A 1 9  ? 2.105   -7.504  10.673  1.00 18.25 ? 9   SER A O   1 
ATOM   57  C CB  . SER A 1 9  ? 4.859   -6.677  10.271  1.00 15.23 ? 9   SER A CB  1 
ATOM   58  O OG  . SER A 1 9  ? 5.780   -5.721  10.427  1.00 16.40 ? 9   SER A OG  1 
ATOM   59  N N   . GLU A 1 10 ? 1.737   -5.294  10.544  1.00 23.06 ? 10  GLU A N   1 
ATOM   60  C CA  . GLU A 1 10 ? 0.576   -5.519  11.450  1.00 20.95 ? 10  GLU A CA  1 
ATOM   61  C C   . GLU A 1 10 ? -0.708  -5.546  10.682  1.00 15.35 ? 10  GLU A C   1 
ATOM   62  O O   . GLU A 1 10 ? -1.838  -5.309  11.192  1.00 17.94 ? 10  GLU A O   1 
ATOM   63  C CB  . GLU A 1 10 ? 0.468   -4.459  12.487  1.00 19.54 ? 10  GLU A CB  1 
ATOM   64  C CG  . GLU A 1 10 ? 1.763   -4.394  13.215  1.00 24.34 ? 10  GLU A CG  1 
ATOM   65  C CD  . GLU A 1 10 ? 1.341   -3.688  14.464  1.00 36.77 ? 10  GLU A CD  1 
ATOM   66  O OE1 . GLU A 1 10 ? 0.571   -2.654  14.365  1.00 35.10 ? 10  GLU A OE1 1 
ATOM   67  O OE2 . GLU A 1 10 ? 2.039   -3.944  15.482  1.00 31.73 ? 10  GLU A OE2 1 
ATOM   68  N N   . TYR A 1 11 ? -0.507  -5.925  9.475   1.00 11.60 ? 11  TYR A N   1 
ATOM   69  C CA  . TYR A 1 11 ? -1.660  -6.014  8.665   1.00 19.64 ? 11  TYR A CA  1 
ATOM   70  C C   . TYR A 1 11 ? -2.095  -7.454  8.538   1.00 11.56 ? 11  TYR A C   1 
ATOM   71  O O   . TYR A 1 11 ? -1.279  -8.394  8.699   1.00 19.58 ? 11  TYR A O   1 
ATOM   72  C CB  . TYR A 1 11 ? -1.362  -5.307  7.313   1.00 12.38 ? 11  TYR A CB  1 
ATOM   73  C CG  . TYR A 1 11 ? -1.503  -3.797  7.545   1.00 14.06 ? 11  TYR A CG  1 
ATOM   74  C CD1 . TYR A 1 11 ? -0.438  -3.096  8.072   1.00 19.20 ? 11  TYR A CD1 1 
ATOM   75  C CD2 . TYR A 1 11 ? -2.704  -3.151  7.255   1.00 23.00 ? 11  TYR A CD2 1 
ATOM   76  C CE1 . TYR A 1 11 ? -0.563  -1.723  8.292   1.00 23.44 ? 11  TYR A CE1 1 
ATOM   77  C CE2 . TYR A 1 11 ? -2.853  -1.782  7.487   1.00 13.72 ? 11  TYR A CE2 1 
ATOM   78  C CZ  . TYR A 1 11 ? -1.767  -1.085  8.017   1.00 19.44 ? 11  TYR A CZ  1 
ATOM   79  O OH  . TYR A 1 11 ? -1.817  0.325   8.138   1.00 20.63 ? 11  TYR A OH  1 
ATOM   80  N N   . PRO A 1 12 ? -3.286  -7.700  8.214   1.00 12.85 ? 12  PRO A N   1 
ATOM   81  C CA  . PRO A 1 12 ? -4.370  -6.826  7.735   1.00 11.81 ? 12  PRO A CA  1 
ATOM   82  C C   . PRO A 1 12 ? -5.087  -6.115  8.886   1.00 18.14 ? 12  PRO A C   1 
ATOM   83  O O   . PRO A 1 12 ? -5.050  -6.581  10.060  1.00 21.59 ? 12  PRO A O   1 
ATOM   84  C CB  . PRO A 1 12 ? -5.413  -7.792  7.125   1.00 28.03 ? 12  PRO A CB  1 
ATOM   85  C CG  . PRO A 1 12 ? -5.019  -9.227  7.575   1.00 23.12 ? 12  PRO A CG  1 
ATOM   86  C CD  . PRO A 1 12 ? -3.671  -9.113  8.232   1.00 28.03 ? 12  PRO A CD  1 
ATOM   87  N N   . LYS A 1 13 ? -5.707  -5.025  8.590   1.00 20.61 ? 13  LYS A N   1 
ATOM   88  C CA  . LYS A 1 13 ? -6.480  -4.277  9.666   1.00 22.83 ? 13  LYS A CA  1 
ATOM   89  C C   . LYS A 1 13 ? -7.891  -4.016  9.154   1.00 25.79 ? 13  LYS A C   1 
ATOM   90  O O   . LYS A 1 13 ? -8.089  -3.882  7.921   1.00 20.60 ? 13  LYS A O   1 
ATOM   91  C CB  . LYS A 1 13 ? -5.825  -2.939  10.103  1.00 22.32 ? 13  LYS A CB  1 
ATOM   92  C CG  . LYS A 1 13 ? -4.357  -3.163  10.615  1.00 18.95 ? 13  LYS A CG  1 
ATOM   93  C CD  . LYS A 1 13 ? -3.730  -1.869  11.123  1.00 15.20 ? 13  LYS A CD  1 
ATOM   94  C CE  . LYS A 1 13 ? -2.441  -2.151  11.915  1.00 14.80 ? 13  LYS A CE  1 
ATOM   95  N NZ  . LYS A 1 13 ? -2.076  -0.833  12.400  1.00 26.91 ? 13  LYS A NZ  1 
ATOM   96  N N   . PRO A 1 14 ? -8.926  -4.304  9.957   1.00 26.86 ? 14  PRO A N   1 
ATOM   97  C CA  . PRO A 1 14 ? -10.324 -4.175  9.427   1.00 25.92 ? 14  PRO A CA  1 
ATOM   98  C C   . PRO A 1 14 ? -10.690 -2.701  9.096   1.00 17.67 ? 14  PRO A C   1 
ATOM   99  O O   . PRO A 1 14 ? -11.603 -2.395  8.279   1.00 23.13 ? 14  PRO A O   1 
ATOM   100 C CB  . PRO A 1 14 ? -11.278 -4.658  10.579  1.00 20.36 ? 14  PRO A CB  1 
ATOM   101 C CG  . PRO A 1 14 ? -10.379 -4.758  11.831  1.00 22.64 ? 14  PRO A CG  1 
ATOM   102 C CD  . PRO A 1 14 ? -8.874  -4.591  11.410  1.00 26.05 ? 14  PRO A CD  1 
ATOM   103 N N   . ALA A 1 15 ? -9.959  -1.761  9.627   1.00 17.79 ? 15  ALA A N   1 
ATOM   104 C CA  . ALA A 1 15 ? -10.304 -0.393  9.277   1.00 21.49 ? 15  ALA A CA  1 
ATOM   105 C C   . ALA A 1 15 ? -9.080  0.416   8.823   1.00 17.91 ? 15  ALA A C   1 
ATOM   106 O O   . ALA A 1 15 ? -7.944  0.306   9.358   1.00 21.93 ? 15  ALA A O   1 
ATOM   107 C CB  . ALA A 1 15 ? -11.023 0.368   10.412  1.00 19.89 ? 15  ALA A CB  1 
ATOM   108 N N   . CYS A 1 16 ? -9.438  1.290   7.943   1.00 21.32 ? 16  CYS A N   1 
ATOM   109 C CA  . CYS A 1 16 ? -8.803  2.492   7.496   1.00 25.13 ? 16  CYS A CA  1 
ATOM   110 C C   . CYS A 1 16 ? -10.094 3.287   7.181   1.00 25.37 ? 16  CYS A C   1 
ATOM   111 O O   . CYS A 1 16 ? -11.074 2.633   6.652   1.00 25.20 ? 16  CYS A O   1 
ATOM   112 C CB  . CYS A 1 16 ? -8.026  2.237   6.102   1.00 25.96 ? 16  CYS A CB  1 
ATOM   113 S SG  . CYS A 1 16 ? -6.982  0.775   5.875   1.00 18.93 ? 16  CYS A SG  1 
ATOM   114 N N   . PRO A 1 17 ? -10.198 4.516   7.651   0.00 20.00 ? 17  PRO A N   1 
ATOM   115 C CA  . PRO A 1 17 ? -11.463 5.285   7.733   0.00 20.00 ? 17  PRO A CA  1 
ATOM   116 C C   . PRO A 1 17 ? -12.179 5.595   6.419   0.00 20.00 ? 17  PRO A C   1 
ATOM   117 O O   . PRO A 1 17 ? -11.587 5.489   5.315   0.00 20.00 ? 17  PRO A O   1 
ATOM   118 C CB  . PRO A 1 17 ? -11.157 6.613   8.441   0.00 20.00 ? 17  PRO A CB  1 
ATOM   119 C CG  . PRO A 1 17 ? -9.660  6.608   8.769   0.00 20.00 ? 17  PRO A CG  1 
ATOM   120 C CD  . PRO A 1 17 ? -9.095  5.264   8.280   0.00 20.00 ? 17  PRO A CD  1 
ATOM   121 N N   . LYS A 1 18 ? -13.399 6.077   6.585   0.00 20.00 ? 18  LYS A N   1 
ATOM   122 C CA  . LYS A 1 18 ? -14.310 6.547   5.531   0.00 20.00 ? 18  LYS A CA  1 
ATOM   123 C C   . LYS A 1 18 ? -13.866 7.875   4.926   0.00 20.00 ? 18  LYS A C   1 
ATOM   124 O O   . LYS A 1 18 ? -13.695 7.981   3.684   0.00 20.00 ? 18  LYS A O   1 
ATOM   125 C CB  . LYS A 1 18 ? -15.715 6.741   6.135   0.00 20.00 ? 18  LYS A CB  1 
ATOM   126 C CG  . LYS A 1 18 ? -16.721 7.328   5.126   0.00 20.00 ? 18  LYS A CG  1 
ATOM   127 C CD  . LYS A 1 18 ? -18.080 7.637   5.783   0.00 20.00 ? 18  LYS A CD  1 
ATOM   128 C CE  . LYS A 1 18 ? -19.069 8.290   4.798   0.00 20.00 ? 18  LYS A CE  1 
ATOM   129 N NZ  . LYS A 1 18 ? -20.333 8.597   5.479   0.00 20.00 ? 18  LYS A NZ  1 
ATOM   130 N N   . ASP A 1 19 ? -5.536  10.122  7.108   1.00 26.54 ? 19  ASP A N   1 
ATOM   131 C CA  . ASP A 1 19 ? -4.911  11.205  6.323   1.00 20.04 ? 19  ASP A CA  1 
ATOM   132 C C   . ASP A 1 19 ? -4.998  10.798  4.822   1.00 29.67 ? 19  ASP A C   1 
ATOM   133 O O   . ASP A 1 19 ? -4.937  9.602   4.422   1.00 26.09 ? 19  ASP A O   1 
ATOM   134 C CB  . ASP A 1 19 ? -3.441  11.537  6.933   1.00 24.21 ? 19  ASP A CB  1 
ATOM   135 C CG  . ASP A 1 19 ? -3.166  12.924  7.628   1.00 28.81 ? 19  ASP A CG  1 
ATOM   136 O OD1 . ASP A 1 19 ? -2.865  13.901  6.889   1.00 29.49 ? 19  ASP A OD1 1 
ATOM   137 O OD2 . ASP A 1 19 ? -2.639  13.053  8.783   1.00 27.48 ? 19  ASP A OD2 1 
ATOM   138 N N   . TYR A 1 20 ? -5.096  11.715  3.913   1.00 18.54 ? 20  TYR A N   1 
ATOM   139 C CA  . TYR A 1 20 ? -5.014  11.403  2.520   1.00 15.55 ? 20  TYR A CA  1 
ATOM   140 C C   . TYR A 1 20 ? -3.557  11.511  2.067   1.00 19.18 ? 20  TYR A C   1 
ATOM   141 O O   . TYR A 1 20 ? -3.029  12.654  2.027   1.00 19.85 ? 20  TYR A O   1 
ATOM   142 C CB  . TYR A 1 20 ? -5.637  12.679  2.011   1.00 30.44 ? 20  TYR A CB  1 
ATOM   143 C CG  . TYR A 1 20 ? -5.639  12.435  0.522   1.00 30.65 ? 20  TYR A CG  1 
ATOM   144 C CD1 . TYR A 1 20 ? -6.245  11.296  0.131   1.00 22.64 ? 20  TYR A CD1 1 
ATOM   145 C CD2 . TYR A 1 20 ? -4.914  13.228  -0.361  1.00 29.86 ? 20  TYR A CD2 1 
ATOM   146 C CE1 . TYR A 1 20 ? -6.128  10.889  -1.138  1.00 31.95 ? 20  TYR A CE1 1 
ATOM   147 C CE2 . TYR A 1 20 ? -4.791  12.832  -1.637  1.00 28.32 ? 20  TYR A CE2 1 
ATOM   148 C CZ  . TYR A 1 20 ? -5.361  11.647  -2.028  1.00 25.14 ? 20  TYR A CZ  1 
ATOM   149 O OH  . TYR A 1 20 ? -5.205  11.205  -3.391  1.00 24.03 ? 20  TYR A OH  1 
ATOM   150 N N   . ARG A 1 21 ? -2.914  10.388  1.823   1.00 15.24 ? 21  ARG A N   1 
ATOM   151 C CA  . ARG A 1 21 ? -1.422  10.328  1.630   1.00 16.20 ? 21  ARG A CA  1 
ATOM   152 C C   . ARG A 1 21 ? -0.980  9.221   0.673   1.00 15.25 ? 21  ARG A C   1 
ATOM   153 O O   . ARG A 1 21 ? -0.489  8.107   1.047   1.00 14.60 ? 21  ARG A O   1 
ATOM   154 C CB  . ARG A 1 21 ? -0.665  10.132  2.965   1.00 16.35 ? 21  ARG A CB  1 
ATOM   155 C CG  . ARG A 1 21 ? -0.756  11.318  3.939   1.00 19.14 ? 21  ARG A CG  1 
ATOM   156 C CD  . ARG A 1 21 ? -0.075  11.142  5.339   1.00 29.83 ? 21  ARG A CD  1 
ATOM   157 N NE  . ARG A 1 21 ? 0.040   12.353  6.234   1.00 31.85 ? 21  ARG A NE  1 
ATOM   158 C CZ  . ARG A 1 21 ? -0.148  13.670  5.937   1.00 28.02 ? 21  ARG A CZ  1 
ATOM   159 N NH1 A ARG A 1 21 ? -0.577  14.019  4.717   1.00 32.14 ? 21  ARG A NH1 1 
ATOM   160 N NH2 B ARG A 1 21 ? -0.088  14.650  6.891   1.00 27.66 ? 21  ARG A NH2 1 
ATOM   161 N N   . PRO A 1 22 ? -1.278  9.500   -0.570  1.00 11.68 ? 22  PRO A N   1 
ATOM   162 C CA  . PRO A 1 22 ? -1.256  8.536   -1.656  1.00 14.99 ? 22  PRO A CA  1 
ATOM   163 C C   . PRO A 1 22 ? 0.116   7.900   -1.925  1.00 25.96 ? 22  PRO A C   1 
ATOM   164 O O   . PRO A 1 22 ? 1.183   8.558   -1.796  1.00 13.47 ? 22  PRO A O   1 
ATOM   165 C CB  . PRO A 1 22 ? -1.797  9.202   -2.903  1.00 17.85 ? 22  PRO A CB  1 
ATOM   166 C CG  . PRO A 1 22 ? -1.943  10.665  -2.519  1.00 18.23 ? 22  PRO A CG  1 
ATOM   167 C CD  . PRO A 1 22 ? -1.617  10.843  -1.063  1.00 12.17 ? 22  PRO A CD  1 
ATOM   168 N N   . VAL A 1 23 ? 0.036   6.669   -2.318  1.00 18.50 ? 23  VAL A N   1 
ATOM   169 C CA  . VAL A 1 23 ? 1.215   5.879   -2.753  1.00 23.80 ? 23  VAL A CA  1 
ATOM   170 C C   . VAL A 1 23 ? 0.889   5.043   -3.980  1.00 22.47 ? 23  VAL A C   1 
ATOM   171 O O   . VAL A 1 23 ? -0.251  4.542   -4.173  1.00 19.66 ? 23  VAL A O   1 
ATOM   172 C CB  . VAL A 1 23 ? 1.735   4.924   -1.654  1.00 24.15 ? 23  VAL A CB  1 
ATOM   173 C CG1 . VAL A 1 23 ? 2.203   5.679   -0.421  1.00 21.98 ? 23  VAL A CG1 1 
ATOM   174 C CG2 . VAL A 1 23 ? 0.621   3.913   -1.243  1.00 23.21 ? 23  VAL A CG2 1 
ATOM   175 N N   . CYS A 1 24 ? 1.897   4.861   -4.782  1.00 11.09 ? 24  CYS A N   1 
ATOM   176 C CA  . CYS A 1 24 ? 1.639   4.218   -6.040  1.00 12.37 ? 24  CYS A CA  1 
ATOM   177 C C   . CYS A 1 24 ? 2.201   2.801   -6.068  1.00 18.33 ? 24  CYS A C   1 
ATOM   178 O O   . CYS A 1 24 ? 3.385   2.560   -5.686  1.00 13.92 ? 24  CYS A O   1 
ATOM   179 C CB  . CYS A 1 24 ? 2.418   4.999   -7.130  1.00 13.34 ? 24  CYS A CB  1 
ATOM   180 S SG  . CYS A 1 24 ? 2.251   4.261   -8.733  1.00 17.03 ? 24  CYS A SG  1 
ATOM   181 N N   . GLY A 1 25 ? 1.249   1.882   -6.208  1.00 18.57 ? 25  GLY A N   1 
ATOM   182 C CA  . GLY A 1 25 ? 1.571   0.456   -6.184  1.00 18.11 ? 25  GLY A CA  1 
ATOM   183 C C   . GLY A 1 25 ? 2.375   -0.011  -7.424  1.00 18.11 ? 25  GLY A C   1 
ATOM   184 O O   . GLY A 1 25 ? 2.231   0.574   -8.536  1.00 17.46 ? 25  GLY A O   1 
ATOM   185 N N   . SER A 1 26 ? 2.918   -1.202  -7.336  1.00 11.73 ? 26  SER A N   1 
ATOM   186 C CA  . SER A 1 26 ? 3.453   -1.828  -8.526  1.00 22.16 ? 26  SER A CA  1 
ATOM   187 C C   . SER A 1 26 ? 2.417   -2.130  -9.595  1.00 25.04 ? 26  SER A C   1 
ATOM   188 O O   . SER A 1 26 ? 2.757   -2.541  -10.743 1.00 25.18 ? 26  SER A O   1 
ATOM   189 C CB  . SER A 1 26 ? 4.314   -3.080  -8.187  1.00 18.09 ? 26  SER A CB  1 
ATOM   190 O OG  . SER A 1 26 ? 3.475   -4.044  -7.472  1.00 21.05 ? 26  SER A OG  1 
ATOM   191 N N   . ASP A 1 27 ? 1.154   -2.065  -9.213  1.00 13.91 ? 27  ASP A N   1 
ATOM   192 C CA  . ASP A 1 27 ? 0.112   -2.365  -10.196 1.00 15.25 ? 27  ASP A CA  1 
ATOM   193 C C   . ASP A 1 27 ? -0.312  -1.110  -10.930 1.00 18.36 ? 27  ASP A C   1 
ATOM   194 O O   . ASP A 1 27 ? -1.253  -1.218  -11.751 1.00 17.88 ? 27  ASP A O   1 
ATOM   195 C CB  . ASP A 1 27 ? -1.157  -3.025  -9.580  1.00 11.02 ? 27  ASP A CB  1 
ATOM   196 C CG  . ASP A 1 27 ? -1.668  -2.152  -8.433  1.00 18.28 ? 27  ASP A CG  1 
ATOM   197 O OD1 . ASP A 1 27 ? -0.904  -1.271  -7.938  1.00 19.69 ? 27  ASP A OD1 1 
ATOM   198 O OD2 . ASP A 1 27 ? -2.636  -2.576  -7.728  1.00 18.79 ? 27  ASP A OD2 1 
ATOM   199 N N   . ASN A 1 28 ? 0.372   0.013   -10.621 1.00 15.97 ? 28  ASN A N   1 
ATOM   200 C CA  . ASN A 1 28 ? 0.016   1.331   -11.176 1.00 15.49 ? 28  ASN A CA  1 
ATOM   201 C C   . ASN A 1 28 ? -1.323  1.836   -10.612 1.00 24.03 ? 28  ASN A C   1 
ATOM   202 O O   . ASN A 1 28 ? -1.990  2.709   -11.235 1.00 18.89 ? 28  ASN A O   1 
ATOM   203 C CB  . ASN A 1 28 ? -0.027  1.402   -12.747 1.00 15.05 ? 28  ASN A CB  1 
ATOM   204 C CG  . ASN A 1 28 ? 1.412   1.649   -13.248 1.00 26.15 ? 28  ASN A CG  1 
ATOM   205 O OD1 . ASN A 1 28 ? 2.103   2.358   -12.474 1.00 20.51 ? 28  ASN A OD1 1 
ATOM   206 N ND2 . ASN A 1 28 ? 1.654   1.495   -14.592 1.00 21.15 ? 28  ASN A ND2 1 
ATOM   207 N N   . LYS A 1 29 ? -1.685  1.324   -9.430  1.00 13.06 ? 29  LYS A N   1 
ATOM   208 C CA  . LYS A 1 29 ? -2.859  1.923   -8.798  1.00 18.66 ? 29  LYS A CA  1 
ATOM   209 C C   . LYS A 1 29 ? -2.401  2.917   -7.722  1.00 18.73 ? 29  LYS A C   1 
ATOM   210 O O   . LYS A 1 29 ? -1.481  2.567   -6.926  1.00 16.52 ? 29  LYS A O   1 
ATOM   211 C CB  . LYS A 1 29 ? -3.752  0.817   -8.142  1.00 16.89 ? 29  LYS A CB  1 
ATOM   212 C CG  . LYS A 1 29 ? -4.934  1.398   -7.315  1.00 24.57 ? 29  LYS A CG  1 
ATOM   213 C CD  . LYS A 1 29 ? -5.931  0.281   -6.844  1.00 25.16 ? 29  LYS A CD  1 
ATOM   214 C CE  . LYS A 1 29 ? -6.937  -0.200  -7.931  1.00 31.16 ? 29  LYS A CE  1 
ATOM   215 N NZ  . LYS A 1 29 ? -7.783  0.918   -8.370  0.00 20.00 ? 29  LYS A NZ  1 
ATOM   216 N N   . THR A 1 30 ? -3.141  4.010   -7.586  1.00 17.81 ? 30  THR A N   1 
ATOM   217 C CA  . THR A 1 30 ? -2.955  4.941   -6.487  1.00 24.04 ? 30  THR A CA  1 
ATOM   218 C C   . THR A 1 30 ? -3.809  4.573   -5.276  1.00 17.19 ? 30  THR A C   1 
ATOM   219 O O   . THR A 1 30 ? -4.962  5.001   -5.204  1.00 20.06 ? 30  THR A O   1 
ATOM   220 C CB  . THR A 1 30 ? -3.102  6.466   -6.792  1.00 24.09 ? 30  THR A CB  1 
ATOM   221 O OG1 . THR A 1 30 ? -2.427  6.789   -8.134  1.00 7.17  ? 30  THR A OG1 1 
ATOM   222 C CG2 . THR A 1 30 ? -2.355  7.129   -5.748  1.00 28.02 ? 30  THR A CG2 1 
ATOM   223 N N   . TYR A 1 31 ? -3.171  4.112   -4.248  1.00 15.39 ? 31  TYR A N   1 
ATOM   224 C CA  . TYR A 1 31 ? -3.785  3.793   -2.918  1.00 17.57 ? 31  TYR A CA  1 
ATOM   225 C C   . TYR A 1 31 ? -3.782  5.015   -2.010  1.00 15.18 ? 31  TYR A C   1 
ATOM   226 O O   . TYR A 1 31 ? -2.856  5.843   -2.081  1.00 12.99 ? 31  TYR A O   1 
ATOM   227 C CB  . TYR A 1 31 ? -2.879  2.698   -2.267  1.00 12.49 ? 31  TYR A CB  1 
ATOM   228 C CG  . TYR A 1 31 ? -3.042  1.367   -3.061  1.00 26.71 ? 31  TYR A CG  1 
ATOM   229 C CD1 . TYR A 1 31 ? -4.148  0.544   -2.793  1.00 16.96 ? 31  TYR A CD1 1 
ATOM   230 C CD2 . TYR A 1 31 ? -2.185  1.055   -4.119  1.00 14.60 ? 31  TYR A CD2 1 
ATOM   231 C CE1 . TYR A 1 31 ? -4.384  -0.599  -3.571  1.00 14.12 ? 31  TYR A CE1 1 
ATOM   232 C CE2 . TYR A 1 31 ? -2.401  -0.094  -4.936  1.00 15.69 ? 31  TYR A CE2 1 
ATOM   233 C CZ  . TYR A 1 31 ? -3.506  -0.941  -4.625  1.00 21.24 ? 31  TYR A CZ  1 
ATOM   234 O OH  . TYR A 1 31 ? -3.771  -2.082  -5.387  1.00 13.38 ? 31  TYR A OH  1 
ATOM   235 N N   . SER A 1 32 ? -4.895  5.291   -1.365  1.00 13.03 ? 32  SER A N   1 
ATOM   236 C CA  . SER A 1 32 ? -5.158  6.614   -0.760  1.00 20.83 ? 32  SER A CA  1 
ATOM   237 C C   . SER A 1 32 ? -4.230  6.925   0.424   1.00 21.44 ? 32  SER A C   1 
ATOM   238 O O   . SER A 1 32 ? -4.103  8.083   0.907   1.00 15.11 ? 32  SER A O   1 
ATOM   239 C CB  . SER A 1 32 ? -6.678  6.665   -0.278  1.00 32.66 ? 32  SER A CB  1 
ATOM   240 O OG  . SER A 1 32 ? -6.884  5.605   0.711   1.00 21.81 ? 32  SER A OG  1 
ATOM   241 N N   . ASN A 1 33 ? -3.733  5.841   1.042   1.00 18.16 ? 33  ASN A N   1 
ATOM   242 C CA  . ASN A 1 33 ? -2.834  5.901   2.178   1.00 10.16 ? 33  ASN A CA  1 
ATOM   243 C C   . ASN A 1 33 ? -2.097  4.588   2.486   1.00 19.77 ? 33  ASN A C   1 
ATOM   244 O O   . ASN A 1 33 ? -2.374  3.563   1.822   1.00 17.61 ? 33  ASN A O   1 
ATOM   245 C CB  . ASN A 1 33 ? -3.463  6.588   3.405   1.00 20.64 ? 33  ASN A CB  1 
ATOM   246 C CG  . ASN A 1 33 ? -4.629  5.758   3.941   1.00 15.05 ? 33  ASN A CG  1 
ATOM   247 O OD1 . ASN A 1 33 ? -4.629  4.513   3.848   1.00 13.37 ? 33  ASN A OD1 1 
ATOM   248 N ND2 . ASN A 1 33 ? -5.676  6.462   4.253   1.00 16.76 ? 33  ASN A ND2 1 
ATOM   249 N N   . LYS A 1 34 ? -1.281  4.591   3.489   1.00 9.82  ? 34  LYS A N   1 
ATOM   250 C CA  . LYS A 1 34 ? -0.497  3.399   3.741   1.00 13.90 ? 34  LYS A CA  1 
ATOM   251 C C   . LYS A 1 34 ? -1.399  2.222   4.172   1.00 15.93 ? 34  LYS A C   1 
ATOM   252 O O   . LYS A 1 34 ? -1.128  1.042   3.878   1.00 13.36 ? 34  LYS A O   1 
ATOM   253 C CB  . LYS A 1 34 ? 0.509   3.768   4.889   1.00 16.91 ? 34  LYS A CB  1 
ATOM   254 C CG  . LYS A 1 34 ? 1.528   2.651   5.168   1.00 28.09 ? 34  LYS A CG  1 
ATOM   255 C CD  . LYS A 1 34 ? 2.013   2.643   6.613   1.00 26.01 ? 34  LYS A CD  1 
ATOM   256 C CE  . LYS A 1 34 ? 2.167   1.196   7.114   1.00 20.59 ? 34  LYS A CE  1 
ATOM   257 N NZ  . LYS A 1 34 ? 3.066   1.322   8.270   1.00 20.56 ? 34  LYS A NZ  1 
ATOM   258 N N   . CYS A 1 35 ? -2.442  2.525   4.868   1.00 17.17 ? 35  CYS A N   1 
ATOM   259 C CA  . CYS A 1 35 ? -3.310  1.392   5.405   1.00 11.20 ? 35  CYS A CA  1 
ATOM   260 C C   . CYS A 1 35 ? -4.050  0.677   4.301   1.00 7.14  ? 35  CYS A C   1 
ATOM   261 O O   . CYS A 1 35 ? -4.007  -0.573  4.213   1.00 10.64 ? 35  CYS A O   1 
ATOM   262 C CB  . CYS A 1 35 ? -4.337  2.058   6.354   1.00 18.35 ? 35  CYS A CB  1 
ATOM   263 S SG  . CYS A 1 35 ? -5.458  0.890   7.172   1.00 16.36 ? 35  CYS A SG  1 
ATOM   264 N N   . ASN A 1 36 ? -4.550  1.435   3.343   1.00 8.18  ? 36  ASN A N   1 
ATOM   265 C CA  . ASN A 1 36 ? -5.147  0.811   2.167   1.00 16.07 ? 36  ASN A CA  1 
ATOM   266 C C   . ASN A 1 36 ? -4.166  -0.058  1.377   1.00 16.83 ? 36  ASN A C   1 
ATOM   267 O O   . ASN A 1 36 ? -4.506  -1.139  0.846   1.00 13.67 ? 36  ASN A O   1 
ATOM   268 C CB  . ASN A 1 36 ? -5.987  1.762   1.255   1.00 18.03 ? 36  ASN A CB  1 
ATOM   269 C CG  . ASN A 1 36 ? -7.231  2.214   2.047   1.00 23.54 ? 36  ASN A CG  1 
ATOM   270 O OD1 . ASN A 1 36 ? -7.403  3.418   2.390   1.00 19.41 ? 36  ASN A OD1 1 
ATOM   271 N ND2 . ASN A 1 36 ? -8.158  1.311   1.993   1.00 18.18 ? 36  ASN A ND2 1 
ATOM   272 N N   . PHE A 1 37 ? -2.990  0.498   1.216   1.00 14.43 ? 37  PHE A N   1 
ATOM   273 C CA  . PHE A 1 37 ? -1.905  -0.198  0.434   1.00 12.21 ? 37  PHE A CA  1 
ATOM   274 C C   . PHE A 1 37 ? -1.516  -1.497  1.145   1.00 5.00  ? 37  PHE A C   1 
ATOM   275 O O   . PHE A 1 37 ? -1.486  -2.575  0.530   1.00 9.42  ? 37  PHE A O   1 
ATOM   276 C CB  . PHE A 1 37 ? -0.642  0.754   0.444   1.00 10.35 ? 37  PHE A CB  1 
ATOM   277 C CG  . PHE A 1 37 ? 0.560   0.024   -0.216  1.00 20.42 ? 37  PHE A CG  1 
ATOM   278 C CD1 . PHE A 1 37 ? 0.513   -0.230  -1.580  1.00 15.31 ? 37  PHE A CD1 1 
ATOM   279 C CD2 . PHE A 1 37 ? 1.643   -0.409  0.537   1.00 20.36 ? 37  PHE A CD2 1 
ATOM   280 C CE1 . PHE A 1 37 ? 1.514   -0.953  -2.199  1.00 6.23  ? 37  PHE A CE1 1 
ATOM   281 C CE2 . PHE A 1 37 ? 2.676   -1.146  -0.117  1.00 13.59 ? 37  PHE A CE2 1 
ATOM   282 C CZ  . PHE A 1 37 ? 2.575   -1.409  -1.462  1.00 8.71  ? 37  PHE A CZ  1 
ATOM   283 N N   . CYS A 1 38 ? -1.282  -1.413  2.440   1.00 11.17 ? 38  CYS A N   1 
ATOM   284 C CA  . CYS A 1 38 ? -0.861  -2.592  3.203   1.00 10.76 ? 38  CYS A CA  1 
ATOM   285 C C   . CYS A 1 38 ? -1.933  -3.663  3.253   1.00 16.75 ? 38  CYS A C   1 
ATOM   286 O O   . CYS A 1 38 ? -1.579  -4.869  3.175   1.00 9.52  ? 38  CYS A O   1 
ATOM   287 C CB  . CYS A 1 38 ? -0.440  -2.213  4.620   1.00 23.48 ? 38  CYS A CB  1 
ATOM   288 S SG  . CYS A 1 38 ? 1.227   -1.505  4.721   1.00 15.45 ? 38  CYS A SG  1 
ATOM   289 N N   . ASN A 1 39 ? -3.220  -3.244  3.282   1.00 11.37 ? 39  ASN A N   1 
ATOM   290 C CA  . ASN A 1 39 ? -4.278  -4.324  3.225   1.00 13.61 ? 39  ASN A CA  1 
ATOM   291 C C   . ASN A 1 39 ? -4.266  -4.978  1.837   1.00 9.24  ? 39  ASN A C   1 
ATOM   292 O O   . ASN A 1 39 ? -4.483  -6.215  1.650   1.00 14.53 ? 39  ASN A O   1 
ATOM   293 C CB  . ASN A 1 39 ? -5.708  -3.725  3.519   1.00 13.43 ? 39  ASN A CB  1 
ATOM   294 C CG  . ASN A 1 39 ? -6.026  -3.644  5.025   1.00 18.59 ? 39  ASN A CG  1 
ATOM   295 O OD1 . ASN A 1 39 ? -6.867  -2.796  5.457   1.00 19.61 ? 39  ASN A OD1 1 
ATOM   296 N ND2 . ASN A 1 39 ? -5.410  -4.497  5.777   1.00 14.80 ? 39  ASN A ND2 1 
ATOM   297 N N   . ALA A 1 40 ? -3.981  -4.141  0.846   1.00 12.81 ? 40  ALA A N   1 
ATOM   298 C CA  . ALA A 1 40 ? -3.801  -4.623  -0.527  1.00 24.29 ? 40  ALA A CA  1 
ATOM   299 C C   . ALA A 1 40 ? -2.605  -5.569  -0.669  1.00 13.25 ? 40  ALA A C   1 
ATOM   300 O O   . ALA A 1 40 ? -2.755  -6.636  -1.315  1.00 13.82 ? 40  ALA A O   1 
ATOM   301 C CB  . ALA A 1 40 ? -3.637  -3.494  -1.572  1.00 10.26 ? 40  ALA A CB  1 
ATOM   302 N N   . VAL A 1 41 ? -1.514  -5.234  -0.037  1.00 12.59 ? 41  VAL A N   1 
ATOM   303 C CA  . VAL A 1 41 ? -0.391  -6.190  -0.103  1.00 11.90 ? 41  VAL A CA  1 
ATOM   304 C C   . VAL A 1 41 ? -0.735  -7.571  0.477   1.00 18.63 ? 41  VAL A C   1 
ATOM   305 O O   . VAL A 1 41 ? -0.437  -8.595  -0.203  1.00 15.15 ? 41  VAL A O   1 
ATOM   306 C CB  . VAL A 1 41 ? 0.804   -5.640  0.693   1.00 17.70 ? 41  VAL A CB  1 
ATOM   307 C CG1 . VAL A 1 41 ? 1.935   -6.679  0.696   1.00 21.85 ? 41  VAL A CG1 1 
ATOM   308 C CG2 . VAL A 1 41 ? 1.328   -4.341  0.015   1.00 17.26 ? 41  VAL A CG2 1 
ATOM   309 N N   . VAL A 1 42 ? -1.418  -7.561  1.668   1.00 13.73 ? 42  VAL A N   1 
ATOM   310 C CA  . VAL A 1 42 ? -1.818  -8.826  2.277   1.00 17.10 ? 42  VAL A CA  1 
ATOM   311 C C   . VAL A 1 42 ? -2.906  -9.521  1.454   1.00 17.57 ? 42  VAL A C   1 
ATOM   312 O O   . VAL A 1 42 ? -2.794  -10.743 1.162   1.00 19.13 ? 42  VAL A O   1 
ATOM   313 C CB  . VAL A 1 42 ? -2.175  -8.625  3.786   1.00 20.18 ? 42  VAL A CB  1 
ATOM   314 C CG1 . VAL A 1 42 ? -1.176  -7.768  4.616   1.00 20.58 ? 42  VAL A CG1 1 
ATOM   315 C CG2 . VAL A 1 42 ? -3.648  -8.250  3.934   1.00 32.50 ? 42  VAL A CG2 1 
ATOM   316 N N   . GLU A 1 43 ? -3.861  -8.754  0.925   1.00 15.08 ? 43  GLU A N   1 
ATOM   317 C CA  . GLU A 1 43 ? -4.826  -9.365  0.022   1.00 19.76 ? 43  GLU A CA  1 
ATOM   318 C C   . GLU A 1 43 ? -4.322  -9.965  -1.253  1.00 20.66 ? 43  GLU A C   1 
ATOM   319 O O   . GLU A 1 43 ? -4.847  -11.072 -1.507  1.00 21.88 ? 43  GLU A O   1 
ATOM   320 C CB  . GLU A 1 43 ? -6.054  -8.507  -0.343  1.00 12.41 ? 43  GLU A CB  1 
ATOM   321 C CG  . GLU A 1 43 ? -6.877  -8.342  0.915   1.00 18.01 ? 43  GLU A CG  1 
ATOM   322 C CD  . GLU A 1 43 ? -8.103  -7.582  0.494   1.00 28.90 ? 43  GLU A CD  1 
ATOM   323 O OE1 . GLU A 1 43 ? -8.463  -7.490  -0.730  1.00 26.49 ? 43  GLU A OE1 1 
ATOM   324 O OE2 . GLU A 1 43 ? -8.437  -6.753  1.377   1.00 30.98 ? 43  GLU A OE2 1 
ATOM   325 N N   . SER A 1 44 ? -3.211  -9.472  -1.794  1.00 13.26 ? 44  SER A N   1 
ATOM   326 C CA  . SER A 1 44 ? -2.578  -10.102 -2.939  1.00 10.34 ? 44  SER A CA  1 
ATOM   327 C C   . SER A 1 44 ? -1.590  -11.236 -2.595  1.00 17.30 ? 44  SER A C   1 
ATOM   328 O O   . SER A 1 44 ? -0.955  -11.813 -3.538  1.00 16.35 ? 44  SER A O   1 
ATOM   329 C CB  . SER A 1 44 ? -1.810  -9.033  -3.803  1.00 13.84 ? 44  SER A CB  1 
ATOM   330 O OG  . SER A 1 44 ? -0.674  -8.507  -3.053  1.00 15.74 ? 44  SER A OG  1 
ATOM   331 N N   . ASN A 1 45 ? -1.409  -11.497 -1.297  1.00 17.14 ? 45  ASN A N   1 
ATOM   332 C CA  . ASN A 1 45 ? -0.435  -12.508 -0.781  1.00 24.35 ? 45  ASN A CA  1 
ATOM   333 C C   . ASN A 1 45 ? 0.967   -12.142 -1.331  1.00 21.39 ? 45  ASN A C   1 
ATOM   334 O O   . ASN A 1 45 ? 1.734   -13.038 -1.762  1.00 20.61 ? 45  ASN A O   1 
ATOM   335 C CB  . ASN A 1 45 ? -0.796  -13.927 -1.323  1.00 18.91 ? 45  ASN A CB  1 
ATOM   336 C CG  . ASN A 1 45 ? -1.803  -14.629 -0.424  1.00 11.42 ? 45  ASN A CG  1 
ATOM   337 O OD1 . ASN A 1 45 ? -1.630  -14.554 0.812   1.00 18.46 ? 45  ASN A OD1 1 
ATOM   338 N ND2 . ASN A 1 45 ? -2.495  -15.551 -1.031  1.00 19.14 ? 45  ASN A ND2 1 
ATOM   339 N N   . GLY A 1 46 ? 1.262   -10.883 -1.173  1.00 18.74 ? 46  GLY A N   1 
ATOM   340 C CA  . GLY A 1 46 ? 2.583   -10.274 -1.270  1.00 18.78 ? 46  GLY A CA  1 
ATOM   341 C C   . GLY A 1 46 ? 2.992   -9.978  -2.690  1.00 13.96 ? 46  GLY A C   1 
ATOM   342 O O   . GLY A 1 46 ? 4.165   -9.549  -2.845  1.00 18.21 ? 46  GLY A O   1 
ATOM   343 N N   . THR A 1 47 ? 2.102   -10.211 -3.668  1.00 20.46 ? 47  THR A N   1 
ATOM   344 C CA  . THR A 1 47 ? 2.547   -9.856  -5.030  1.00 16.83 ? 47  THR A CA  1 
ATOM   345 C C   . THR A 1 47 ? 2.657   -8.329  -5.206  1.00 27.38 ? 47  THR A C   1 
ATOM   346 O O   . THR A 1 47 ? 3.401   -7.817  -6.062  1.00 19.38 ? 47  THR A O   1 
ATOM   347 C CB  . THR A 1 47 ? 1.700   -10.419 -6.170  1.00 20.35 ? 47  THR A CB  1 
ATOM   348 O OG1 . THR A 1 47 ? 0.435   -9.795  -6.177  1.00 22.83 ? 47  THR A OG1 1 
ATOM   349 C CG2 . THR A 1 47 ? 1.493   -11.937 -6.101  1.00 23.99 ? 47  THR A CG2 1 
ATOM   350 N N   . LEU A 1 48 ? 1.863   -7.594  -4.514  1.00 16.65 ? 48  LEU A N   1 
ATOM   351 C CA  . LEU A 1 48 ? 1.968   -6.128  -4.656  1.00 20.05 ? 48  LEU A CA  1 
ATOM   352 C C   . LEU A 1 48 ? 3.148   -5.567  -3.861  1.00 16.02 ? 48  LEU A C   1 
ATOM   353 O O   . LEU A 1 48 ? 3.362   -5.881  -2.656  1.00 17.95 ? 48  LEU A O   1 
ATOM   354 C CB  . LEU A 1 48 ? 0.618   -5.536  -4.178  1.00 18.15 ? 48  LEU A CB  1 
ATOM   355 C CG  . LEU A 1 48 ? 0.464   -4.019  -4.392  1.00 20.61 ? 48  LEU A CG  1 
ATOM   356 C CD1 . LEU A 1 48 ? 0.577   -3.574  -5.887  1.00 12.20 ? 48  LEU A CD1 1 
ATOM   357 C CD2 . LEU A 1 48 ? -0.725  -3.500  -3.553  1.00 14.73 ? 48  LEU A CD2 1 
ATOM   358 N N   . THR A 1 49 ? 3.890   -4.615  -4.483  1.00 13.47 ? 49  THR A N   1 
ATOM   359 C CA  . THR A 1 49 ? 4.954   -3.881  -3.796  1.00 14.43 ? 49  THR A CA  1 
ATOM   360 C C   . THR A 1 49 ? 4.734   -2.394  -4.068  1.00 11.05 ? 49  THR A C   1 
ATOM   361 O O   . THR A 1 49 ? 3.869   -2.030  -4.915  1.00 11.95 ? 49  THR A O   1 
ATOM   362 C CB  . THR A 1 49 ? 6.363   -4.357  -4.320  1.00 21.80 ? 49  THR A CB  1 
ATOM   363 O OG1 . THR A 1 49 ? 6.476   -4.013  -5.706  1.00 17.02 ? 49  THR A OG1 1 
ATOM   364 C CG2 . THR A 1 49 ? 6.533   -5.916  -4.230  1.00 16.16 ? 49  THR A CG2 1 
ATOM   365 N N   . LEU A 1 50 ? 5.474   -1.612  -3.337  1.00 15.90 ? 50  LEU A N   1 
ATOM   366 C CA  . LEU A 1 50 ? 5.425   -0.106  -3.460  1.00 21.90 ? 50  LEU A CA  1 
ATOM   367 C C   . LEU A 1 50 ? 6.363   0.363   -4.568  1.00 22.06 ? 50  LEU A C   1 
ATOM   368 O O   . LEU A 1 50 ? 7.565   -0.030  -4.488  1.00 22.69 ? 50  LEU A O   1 
ATOM   369 C CB  . LEU A 1 50 ? 6.001   0.466   -2.166  1.00 20.66 ? 50  LEU A CB  1 
ATOM   370 C CG  . LEU A 1 50 ? 5.905   1.995   -2.039  1.00 27.27 ? 50  LEU A CG  1 
ATOM   371 C CD1 . LEU A 1 50 ? 4.493   2.518   -2.435  1.00 21.22 ? 50  LEU A CD1 1 
ATOM   372 C CD2 . LEU A 1 50 ? 6.374   2.444   -0.622  1.00 27.67 ? 50  LEU A CD2 1 
ATOM   373 N N   . ASN A 1 51 ? 5.785   0.831   -5.642  1.00 18.46 ? 51  ASN A N   1 
ATOM   374 C CA  . ASN A 1 51 ? 6.618   1.398   -6.764  1.00 11.86 ? 51  ASN A CA  1 
ATOM   375 C C   . ASN A 1 51 ? 7.244   2.734   -6.338  1.00 21.57 ? 51  ASN A C   1 
ATOM   376 O O   . ASN A 1 51 ? 8.483   2.801   -6.139  1.00 17.39 ? 51  ASN A O   1 
ATOM   377 C CB  . ASN A 1 51 ? 5.733   1.482   -8.025  1.00 11.89 ? 51  ASN A CB  1 
ATOM   378 C CG  . ASN A 1 51 ? 6.404   2.197   -9.229  1.00 22.72 ? 51  ASN A CG  1 
ATOM   379 O OD1 . ASN A 1 51 ? 5.699   2.379   -10.247 1.00 28.35 ? 51  ASN A OD1 1 
ATOM   380 N ND2 . ASN A 1 51 ? 7.404   2.940   -9.014  1.00 16.96 ? 51  ASN A ND2 1 
ATOM   381 N N   . HIS A 1 52 ? 6.423   3.685   -5.911  1.00 10.57 ? 52  HIS A N   1 
ATOM   382 C CA  . HIS A 1 52 ? 6.972   4.887   -5.271  1.00 19.96 ? 52  HIS A CA  1 
ATOM   383 C C   . HIS A 1 52 ? 6.007   5.552   -4.296  1.00 17.25 ? 52  HIS A C   1 
ATOM   384 O O   . HIS A 1 52 ? 4.786   5.353   -4.498  1.00 15.35 ? 52  HIS A O   1 
ATOM   385 C CB  . HIS A 1 52 ? 7.443   5.936   -6.329  1.00 17.10 ? 52  HIS A CB  1 
ATOM   386 C CG  . HIS A 1 52 ? 6.414   6.348   -7.375  1.00 11.95 ? 52  HIS A CG  1 
ATOM   387 N ND1 . HIS A 1 52 ? 5.507   7.354   -7.103  1.00 16.02 ? 52  HIS A ND1 1 
ATOM   388 C CD2 . HIS A 1 52 ? 6.239   5.914   -8.621  1.00 18.00 ? 52  HIS A CD2 1 
ATOM   389 C CE1 . HIS A 1 52 ? 4.745   7.562   -8.255  1.00 14.61 ? 52  HIS A CE1 1 
ATOM   390 N NE2 . HIS A 1 52 ? 5.181   6.649   -9.193  1.00 21.40 ? 52  HIS A NE2 1 
ATOM   391 N N   . PHE A 1 53 ? 6.525   6.473   -3.474  1.00 13.18 ? 53  PHE A N   1 
ATOM   392 C CA  . PHE A 1 53 ? 5.645   7.422   -2.776  1.00 17.83 ? 53  PHE A CA  1 
ATOM   393 C C   . PHE A 1 53 ? 4.908   8.415   -3.683  1.00 21.07 ? 53  PHE A C   1 
ATOM   394 O O   . PHE A 1 53 ? 5.361   8.732   -4.827  1.00 15.29 ? 53  PHE A O   1 
ATOM   395 C CB  . PHE A 1 53 ? 6.423   8.191   -1.747  1.00 20.41 ? 53  PHE A CB  1 
ATOM   396 C CG  . PHE A 1 53 ? 6.771   7.264   -0.575  1.00 25.45 ? 53  PHE A CG  1 
ATOM   397 C CD1 . PHE A 1 53 ? 5.764   6.905   0.310   1.00 20.79 ? 53  PHE A CD1 1 
ATOM   398 C CD2 . PHE A 1 53 ? 8.058   6.818   -0.387  1.00 19.08 ? 53  PHE A CD2 1 
ATOM   399 C CE1 . PHE A 1 53 ? 6.038   6.005   1.331   1.00 15.08 ? 53  PHE A CE1 1 
ATOM   400 C CE2 . PHE A 1 53 ? 8.355   5.918   0.641   1.00 17.58 ? 53  PHE A CE2 1 
ATOM   401 C CZ  . PHE A 1 53 ? 7.319   5.481   1.470   1.00 23.11 ? 53  PHE A CZ  1 
ATOM   402 N N   . GLY A 1 54 ? 3.712   8.799   -3.264  1.00 14.04 ? 54  GLY A N   1 
ATOM   403 C CA  . GLY A 1 54 ? 2.849   9.696   -4.091  1.00 23.34 ? 54  GLY A CA  1 
ATOM   404 C C   . GLY A 1 54 ? 1.960   9.024   -5.139  1.00 18.24 ? 54  GLY A C   1 
ATOM   405 O O   . GLY A 1 54 ? 1.979   7.783   -5.351  1.00 13.89 ? 54  GLY A O   1 
ATOM   406 N N   . LYS A 1 55 ? 1.138   9.857   -5.774  1.00 14.10 ? 55  LYS A N   1 
ATOM   407 C CA  . LYS A 1 55 ? 0.288   9.420   -6.866  1.00 19.46 ? 55  LYS A CA  1 
ATOM   408 C C   . LYS A 1 55 ? 1.033   8.750   -8.044  1.00 21.53 ? 55  LYS A C   1 
ATOM   409 O O   . LYS A 1 55 ? 2.179   9.146   -8.440  1.00 15.56 ? 55  LYS A O   1 
ATOM   410 C CB  . LYS A 1 55 ? -0.575  10.631  -7.361  1.00 21.75 ? 55  LYS A CB  1 
ATOM   411 C CG  . LYS A 1 55 ? -0.010  11.211  -8.689  1.00 21.79 ? 55  LYS A CG  1 
ATOM   412 C CD  . LYS A 1 55 ? -1.013  12.188  -9.359  1.00 28.32 ? 55  LYS A CD  1 
ATOM   413 C CE  . LYS A 1 55 ? -1.402  11.814  -10.792 1.00 26.19 ? 55  LYS A CE  1 
ATOM   414 N NZ  . LYS A 1 55 ? -0.157  11.603  -11.563 1.00 29.20 ? 55  LYS A NZ  1 
ATOM   415 N N   . CYS A 1 56 ? 0.400   7.805   -8.672  1.00 21.48 ? 56  CYS A N   1 
ATOM   416 C CA  . CYS A 1 56 ? 1.056   7.196   -9.879  1.00 20.19 ? 56  CYS A CA  1 
ATOM   417 C C   . CYS A 1 56 ? 1.121   8.245   -11.034 1.00 27.87 ? 56  CYS A C   1 
ATOM   418 O O   . CYS A 1 56 ? 1.857   8.032   -12.021 1.00 25.10 ? 56  CYS A O   1 
ATOM   419 C CB  . CYS A 1 56 ? 0.237   6.006   -10.323 1.00 18.23 ? 56  CYS A CB  1 
ATOM   420 S SG  . CYS A 1 56 ? 0.276   4.505   -9.249  1.00 17.98 ? 56  CYS A SG  1 
ATOM   421 O OXT . CYS A 1 56 ? 0.112   8.957   -11.261 1.00 23.42 ? 56  CYS A OXT 1 
HETATM 422 O O   . HOH B 2 .  ? 14.154  -3.396  -0.464  1.00 19.55 ? 100 HOH A O   1 
HETATM 423 O O   . HOH B 2 .  ? 7.644   -2.294  -1.404  1.00 20.69 ? 101 HOH A O   1 
HETATM 424 O O   . HOH B 2 .  ? 2.491   -2.554  10.103  1.00 22.23 ? 102 HOH A O   1 
HETATM 425 O O   . HOH B 2 .  ? -0.227  0.243   15.129  1.00 28.85 ? 103 HOH A O   1 
HETATM 426 O O   . HOH B 2 .  ? -3.394  0.895   14.403  1.00 20.49 ? 104 HOH A O   1 
HETATM 427 O O   . HOH B 2 .  ? -3.315  -8.079  11.959  1.00 22.37 ? 105 HOH A O   1 
HETATM 428 O O   . HOH B 2 .  ? -9.427  -4.609  5.931   1.00 29.71 ? 106 HOH A O   1 
HETATM 429 O O   . HOH B 2 .  ? -2.669  16.733  8.126   1.00 30.30 ? 107 HOH A O   1 
HETATM 430 O O   . HOH B 2 .  ? -6.554  7.017   -4.107  1.00 23.14 ? 108 HOH A O   1 
HETATM 431 O O   . HOH B 2 .  ? -8.187  -1.319  2.899   1.00 17.70 ? 109 HOH A O   1 
HETATM 432 O O   . HOH B 2 .  ? 0.380   -7.489  -8.088  1.00 26.82 ? 110 HOH A O   1 
HETATM 433 O O   . HOH B 2 .  ? 0.736   13.646  -12.967 1.00 24.90 ? 112 HOH A O   1 
HETATM 434 O O   . HOH B 2 .  ? 4.428   -4.701  -11.510 1.00 27.24 ? 113 HOH A O   1 
HETATM 435 O O   . HOH B 2 .  ? -3.967  -1.564  -11.379 1.00 26.00 ? 114 HOH A O   1 
HETATM 436 O O   . HOH B 2 .  ? -4.360  4.137   -11.157 1.00 26.75 ? 115 HOH A O   1 
HETATM 437 O O   . HOH B 2 .  ? -3.645  -13.227 2.501   1.00 22.92 ? 116 HOH A O   1 
HETATM 438 O O   . HOH B 2 .  ? 5.055   -7.393  -1.302  1.00 28.93 ? 117 HOH A O   1 
HETATM 439 O O   . HOH B 2 .  ? 9.709   1.252   -8.104  1.00 29.45 ? 118 HOH A O   1 
HETATM 440 O O   . HOH B 2 .  ? 17.304  -7.408  -5.717  1.00 27.47 ? 119 HOH A O   1 
HETATM 441 O O   . HOH B 2 .  ? -3.187  5.248   6.416   1.00 26.86 ? 120 HOH A O   1 
HETATM 442 O O   . HOH B 2 .  ? 5.794   3.066   7.438   1.00 23.47 ? 121 HOH A O   1 
HETATM 443 O O   . HOH B 2 .  ? -0.801  -8.459  11.530  1.00 27.29 ? 122 HOH A O   1 
HETATM 444 O O   . HOH B 2 .  ? -2.899  1.749   10.264  1.00 26.71 ? 123 HOH A O   1 
HETATM 445 O O   . HOH B 2 .  ? -3.119  -16.100 -3.980  1.00 28.35 ? 124 HOH A O   1 
HETATM 446 O O   . HOH B 2 .  ? 5.440   -6.560  -7.091  1.00 26.65 ? 125 HOH A O   1 
HETATM 447 O O   . HOH B 2 .  ? -11.380 -0.059  6.182   1.00 26.56 ? 126 HOH A O   1 
HETATM 448 O O   . HOH B 2 .  ? -1.337  15.477  10.300  1.00 30.56 ? 127 HOH A O   1 
HETATM 449 O O   . HOH B 2 .  ? -0.662  14.483  1.947   1.00 29.22 ? 128 HOH A O   1 
HETATM 450 O O   . HOH B 2 .  ? 0.726   6.855   3.267   1.00 25.51 ? 129 HOH A O   1 
HETATM 451 O O   . HOH B 2 .  ? 1.560   -5.534  -11.711 1.00 28.40 ? 130 HOH A O   1 
HETATM 452 O O   . HOH B 2 .  ? 11.130  3.158   2.137   1.00 22.92 ? 131 HOH A O   1 
HETATM 453 O O   . HOH B 2 .  ? 6.273   -1.849  1.079   1.00 22.77 ? 132 HOH A O   1 
HETATM 454 O O   . HOH B 2 .  ? -8.992  6.951   2.215   1.00 23.49 ? 133 HOH A O   1 
HETATM 455 O O   . HOH B 2 .  ? -7.985  9.891   6.040   1.00 23.93 ? 134 HOH A O   1 
# 
